data_5FGB
#
_entry.id   5FGB
#
_cell.length_a   49.810
_cell.length_b   149.430
_cell.length_c   67.950
_cell.angle_alpha   90.00
_cell.angle_beta   90.08
_cell.angle_gamma   90.00
#
_symmetry.space_group_name_H-M   'P 1 21 1'
#
loop_
_entity.id
_entity.type
_entity.pdbx_description
1 polymer 'Anti-HCV E2 Fab HC84-1 light chain'
2 polymer 'Anti-HCV E2 Fab HC84-1 heavy chain'
3 polymer 'Genome polyprotein'
4 non-polymer GLYCEROL
5 non-polymer 'SULFATE ION'
6 water water
#
loop_
_entity_poly.entity_id
_entity_poly.type
_entity_poly.pdbx_seq_one_letter_code
_entity_poly.pdbx_strand_id
1 'polypeptide(L)'
;RSSYELTQLPSLSVSLGQTASITCSGDNLGDKFVCWYQQKPGQTPVLVMYEDTKRPSGIPERFAGSNSGNTATLTITGTQ
AMDEADYYCQTWDSSTDVVFGGGTKLTVLRTVAAPSVFIFPPSDEQLKSGTASVVCLLNNFYPREAKVQWKVDNALQSGN
SQESVTEQDSKDSTYSLSSTLTLSKADYEKHKVYACEVTHQGLSSPVTKSFNRGEC
;
A,B
2 'polypeptide(L)'
;EVQLVQSGGGLVQPGGSLRLSCAASGFTFSSYAMSWVRQAPGKGLEWVSAISGSGGSTYYADSVKGRFTISRDNSKNILY
LQMNSLKAEDTATYYCARAVVFTDSSAYYYSKYFDYWSQGTLVTVSSASTKGPSVFPLAPSSKSTSGGTAALGCLVKDYF
PEPVTVSWNSGALTSGVHTFPAVLQSSGLYSLSSVVTVPSSSLGTQTYICNVNHKPSNTKVDKKAEPKSCDKLEDDDDKA
GWSHPQFEKGGGSGGGSGGGSWSHPQFEK
;
C,E
3 'polypeptide(L)' PGAKQNIQLINTNGSWHINST F,G
#
loop_
_chem_comp.id
_chem_comp.type
_chem_comp.name
_chem_comp.formula
GOL non-polymer GLYCEROL 'C3 H8 O3'
SO4 non-polymer 'SULFATE ION' 'O4 S -2'
#
# COMPACT_ATOMS: atom_id res chain seq x y z
N SER A 3 -31.90 -23.33 15.87
CA SER A 3 -31.10 -22.20 15.44
C SER A 3 -31.26 -21.93 13.94
N TYR A 4 -31.57 -20.67 13.59
CA TYR A 4 -31.75 -20.23 12.21
C TYR A 4 -30.42 -20.31 11.44
N GLU A 5 -30.48 -20.83 10.21
CA GLU A 5 -29.29 -21.00 9.38
C GLU A 5 -29.40 -20.36 8.01
N LEU A 6 -28.30 -19.74 7.55
CA LEU A 6 -28.15 -19.14 6.22
C LEU A 6 -27.26 -20.04 5.40
N THR A 7 -27.71 -20.39 4.18
CA THR A 7 -27.00 -21.29 3.29
C THR A 7 -26.34 -20.56 2.13
N GLN A 8 -25.02 -20.70 2.03
CA GLN A 8 -24.26 -20.18 0.90
C GLN A 8 -23.45 -21.34 0.33
N LEU A 9 -23.26 -21.36 -0.99
CA LEU A 9 -22.38 -22.37 -1.59
C LEU A 9 -20.94 -21.96 -1.26
N PRO A 10 -20.05 -22.90 -0.89
CA PRO A 10 -18.68 -22.48 -0.51
C PRO A 10 -17.87 -21.86 -1.64
N SER A 11 -18.18 -22.20 -2.92
CA SER A 11 -17.40 -21.67 -4.01
C SER A 11 -18.24 -21.35 -5.23
N LEU A 12 -17.80 -20.34 -5.97
CA LEU A 12 -18.43 -19.92 -7.22
C LEU A 12 -17.31 -19.47 -8.13
N SER A 13 -17.33 -19.93 -9.39
CA SER A 13 -16.37 -19.56 -10.43
C SER A 13 -17.07 -18.76 -11.49
N VAL A 14 -16.42 -17.66 -11.93
CA VAL A 14 -16.98 -16.77 -12.97
C VAL A 14 -15.88 -16.37 -13.95
N SER A 15 -16.19 -16.31 -15.26
CA SER A 15 -15.18 -15.84 -16.23
C SER A 15 -14.97 -14.35 -16.02
N LEU A 16 -13.74 -13.89 -16.26
CA LEU A 16 -13.43 -12.47 -16.19
C LEU A 16 -14.39 -11.71 -17.13
N GLY A 17 -14.97 -10.63 -16.62
CA GLY A 17 -15.89 -9.78 -17.34
C GLY A 17 -17.33 -10.28 -17.32
N GLN A 18 -17.58 -11.45 -16.69
CA GLN A 18 -18.92 -12.02 -16.62
C GLN A 18 -19.70 -11.72 -15.32
N THR A 19 -20.98 -12.18 -15.23
CA THR A 19 -21.83 -11.90 -14.07
C THR A 19 -21.74 -13.00 -13.05
N ALA A 20 -21.50 -12.63 -11.79
CA ALA A 20 -21.48 -13.58 -10.70
C ALA A 20 -22.78 -13.36 -9.95
N SER A 21 -23.50 -14.44 -9.59
CA SER A 21 -24.71 -14.34 -8.78
C SER A 21 -24.48 -15.16 -7.53
N ILE A 22 -24.17 -14.48 -6.42
CA ILE A 22 -23.89 -15.14 -5.16
C ILE A 22 -25.18 -15.22 -4.38
N THR A 23 -25.58 -16.45 -4.05
CA THR A 23 -26.85 -16.66 -3.36
C THR A 23 -26.69 -16.96 -1.89
N CYS A 24 -27.73 -16.61 -1.16
CA CYS A 24 -27.85 -16.78 0.27
C CYS A 24 -29.28 -17.21 0.48
N SER A 25 -29.49 -18.41 0.99
CA SER A 25 -30.86 -18.89 1.22
C SER A 25 -31.18 -19.11 2.67
N GLY A 26 -32.45 -18.93 2.98
CA GLY A 26 -33.00 -19.06 4.31
C GLY A 26 -34.50 -19.06 4.18
N ASP A 27 -35.17 -19.74 5.10
CA ASP A 27 -36.62 -19.87 5.07
C ASP A 27 -37.37 -18.53 4.92
N ASN A 28 -37.23 -17.66 5.91
CA ASN A 28 -37.90 -16.37 5.91
C ASN A 28 -37.08 -15.27 5.25
N LEU A 29 -36.08 -15.63 4.40
CA LEU A 29 -35.16 -14.66 3.81
C LEU A 29 -35.73 -13.40 3.17
N GLY A 30 -36.68 -13.57 2.26
CA GLY A 30 -37.36 -12.43 1.63
C GLY A 30 -38.09 -11.52 2.62
N ASP A 31 -38.45 -12.05 3.82
CA ASP A 31 -39.14 -11.32 4.91
C ASP A 31 -38.16 -10.58 5.85
N LYS A 32 -36.84 -10.82 5.68
CA LYS A 32 -35.76 -10.26 6.52
C LYS A 32 -34.90 -9.28 5.71
N PHE A 33 -34.06 -8.48 6.40
CA PHE A 33 -33.13 -7.59 5.72
C PHE A 33 -31.77 -8.25 5.68
N VAL A 34 -31.17 -8.30 4.48
CA VAL A 34 -29.87 -8.97 4.28
C VAL A 34 -28.79 -7.98 3.91
N CYS A 35 -27.59 -8.20 4.42
CA CYS A 35 -26.45 -7.37 4.03
CA CYS A 35 -26.41 -7.39 4.09
C CYS A 35 -25.33 -8.28 3.57
N TRP A 36 -24.35 -7.72 2.87
CA TRP A 36 -23.24 -8.49 2.32
C TRP A 36 -21.92 -7.88 2.67
N TYR A 37 -20.94 -8.75 2.92
CA TYR A 37 -19.57 -8.31 3.19
C TYR A 37 -18.64 -8.97 2.20
N GLN A 38 -17.63 -8.22 1.75
CA GLN A 38 -16.56 -8.74 0.91
C GLN A 38 -15.31 -8.84 1.81
N GLN A 39 -14.66 -10.01 1.82
CA GLN A 39 -13.43 -10.16 2.60
C GLN A 39 -12.34 -10.70 1.69
N LYS A 40 -11.36 -9.87 1.40
CA LYS A 40 -10.18 -10.29 0.63
C LYS A 40 -9.26 -11.05 1.57
N PRO A 41 -8.42 -11.96 1.01
CA PRO A 41 -7.56 -12.80 1.85
C PRO A 41 -6.67 -12.03 2.82
N GLY A 42 -6.79 -12.37 4.10
CA GLY A 42 -6.05 -11.73 5.17
C GLY A 42 -6.43 -10.28 5.45
N GLN A 43 -7.59 -9.83 4.92
CA GLN A 43 -8.03 -8.45 5.11
C GLN A 43 -9.31 -8.36 5.96
N THR A 44 -9.63 -7.16 6.42
CA THR A 44 -10.83 -6.88 7.19
C THR A 44 -12.07 -6.96 6.26
N PRO A 45 -13.22 -7.54 6.71
CA PRO A 45 -14.41 -7.51 5.85
C PRO A 45 -14.89 -6.09 5.59
N VAL A 46 -15.50 -5.89 4.41
CA VAL A 46 -16.00 -4.58 3.99
C VAL A 46 -17.48 -4.74 3.64
N LEU A 47 -18.33 -3.84 4.14
CA LEU A 47 -19.75 -3.87 3.80
C LEU A 47 -19.92 -3.44 2.32
N VAL A 48 -20.58 -4.28 1.54
CA VAL A 48 -20.78 -3.93 0.12
C VAL A 48 -22.24 -3.73 -0.25
N MET A 49 -23.18 -4.16 0.63
CA MET A 49 -24.61 -4.09 0.34
C MET A 49 -25.35 -4.19 1.66
N TYR A 50 -26.37 -3.36 1.88
CA TYR A 50 -27.16 -3.43 3.10
C TYR A 50 -28.63 -3.24 2.79
N GLU A 51 -29.52 -3.68 3.72
CA GLU A 51 -30.96 -3.59 3.57
C GLU A 51 -31.40 -4.13 2.19
N ASP A 52 -30.83 -5.30 1.85
CA ASP A 52 -31.02 -6.06 0.60
C ASP A 52 -30.38 -5.43 -0.64
N THR A 53 -30.66 -4.14 -0.91
CA THR A 53 -30.33 -3.50 -2.19
C THR A 53 -29.54 -2.20 -2.13
N LYS A 54 -29.18 -1.73 -0.93
CA LYS A 54 -28.50 -0.44 -0.82
C LYS A 54 -26.97 -0.56 -0.85
N ARG A 55 -26.33 0.19 -1.74
CA ARG A 55 -24.87 0.19 -1.83
C ARG A 55 -24.29 1.30 -0.97
N PRO A 56 -23.32 0.98 -0.09
CA PRO A 56 -22.61 2.04 0.61
C PRO A 56 -21.83 2.89 -0.41
N SER A 57 -21.48 4.13 -0.03
CA SER A 57 -20.71 5.02 -0.89
C SER A 57 -19.35 4.40 -1.14
N GLY A 58 -18.85 4.54 -2.36
CA GLY A 58 -17.57 3.97 -2.74
C GLY A 58 -17.64 2.56 -3.32
N ILE A 59 -18.80 1.88 -3.19
CA ILE A 59 -18.98 0.53 -3.75
C ILE A 59 -19.40 0.66 -5.22
N PRO A 60 -18.70 -0.01 -6.17
CA PRO A 60 -19.07 0.16 -7.61
C PRO A 60 -20.50 -0.24 -7.93
N GLU A 61 -21.08 0.43 -8.94
CA GLU A 61 -22.43 0.14 -9.43
C GLU A 61 -22.55 -1.28 -10.00
N ARG A 62 -21.40 -1.95 -10.26
CA ARG A 62 -21.39 -3.33 -10.77
C ARG A 62 -21.95 -4.29 -9.72
N PHE A 63 -21.97 -3.89 -8.44
CA PHE A 63 -22.55 -4.68 -7.36
C PHE A 63 -24.03 -4.34 -7.24
N ALA A 64 -24.89 -5.36 -7.19
CA ALA A 64 -26.34 -5.15 -7.02
C ALA A 64 -26.92 -6.21 -6.13
N GLY A 65 -27.85 -5.82 -5.29
CA GLY A 65 -28.47 -6.76 -4.38
C GLY A 65 -29.94 -6.95 -4.65
N SER A 66 -30.46 -8.10 -4.30
CA SER A 66 -31.88 -8.39 -4.35
C SER A 66 -32.22 -9.39 -3.26
N ASN A 67 -33.45 -9.37 -2.80
CA ASN A 67 -33.91 -10.30 -1.78
C ASN A 67 -35.36 -10.50 -2.05
N SER A 68 -35.68 -11.61 -2.70
CA SER A 68 -37.03 -11.95 -3.10
C SER A 68 -37.21 -13.42 -2.83
N GLY A 69 -38.34 -13.79 -2.28
CA GLY A 69 -38.66 -15.18 -1.97
C GLY A 69 -37.81 -15.78 -0.85
N ASN A 70 -37.10 -16.86 -1.16
CA ASN A 70 -36.30 -17.62 -0.18
C ASN A 70 -34.80 -17.32 -0.27
N THR A 71 -34.42 -16.50 -1.24
CA THR A 71 -33.03 -16.25 -1.50
C THR A 71 -32.69 -14.77 -1.65
N ALA A 72 -31.55 -14.40 -1.12
CA ALA A 72 -30.96 -13.09 -1.29
C ALA A 72 -29.82 -13.31 -2.27
N THR A 73 -29.62 -12.40 -3.21
CA THR A 73 -28.58 -12.57 -4.22
C THR A 73 -27.75 -11.31 -4.35
N LEU A 74 -26.44 -11.45 -4.40
CA LEU A 74 -25.54 -10.35 -4.68
C LEU A 74 -25.06 -10.63 -6.09
N THR A 75 -25.35 -9.71 -7.03
CA THR A 75 -24.81 -9.92 -8.37
C THR A 75 -23.67 -8.96 -8.61
N ILE A 76 -22.66 -9.41 -9.34
CA ILE A 76 -21.51 -8.61 -9.71
C ILE A 76 -21.37 -8.69 -11.23
N THR A 77 -21.51 -7.56 -11.95
CA THR A 77 -21.35 -7.54 -13.40
C THR A 77 -19.89 -7.21 -13.74
N GLY A 78 -19.47 -7.61 -14.95
CA GLY A 78 -18.11 -7.36 -15.43
C GLY A 78 -17.07 -7.73 -14.39
N THR A 79 -17.17 -8.96 -13.82
CA THR A 79 -16.30 -9.42 -12.74
C THR A 79 -14.84 -9.16 -13.06
N GLN A 80 -14.14 -8.52 -12.09
CA GLN A 80 -12.74 -8.17 -12.26
C GLN A 80 -11.88 -9.00 -11.31
N ALA A 81 -10.57 -9.04 -11.56
CA ALA A 81 -9.67 -9.73 -10.62
C ALA A 81 -9.78 -9.09 -9.22
N MET A 82 -10.04 -7.76 -9.16
CA MET A 82 -10.20 -7.04 -7.89
C MET A 82 -11.43 -7.50 -7.06
N ASP A 83 -12.34 -8.27 -7.67
CA ASP A 83 -13.54 -8.78 -7.00
C ASP A 83 -13.28 -10.16 -6.35
N GLU A 84 -12.09 -10.74 -6.59
CA GLU A 84 -11.77 -12.05 -6.00
C GLU A 84 -11.76 -11.87 -4.51
N ALA A 85 -12.63 -12.62 -3.82
CA ALA A 85 -12.78 -12.51 -2.36
C ALA A 85 -13.73 -13.55 -1.85
N ASP A 86 -13.88 -13.61 -0.52
CA ASP A 86 -14.94 -14.40 0.09
C ASP A 86 -16.08 -13.42 0.38
N TYR A 87 -17.31 -13.82 0.05
CA TYR A 87 -18.51 -12.98 0.26
C TYR A 87 -19.40 -13.65 1.28
N TYR A 88 -19.83 -12.87 2.28
CA TYR A 88 -20.69 -13.36 3.34
C TYR A 88 -22.00 -12.60 3.37
N CYS A 89 -23.12 -13.30 3.43
CA CYS A 89 -24.41 -12.66 3.66
C CYS A 89 -24.64 -12.66 5.17
N GLN A 90 -25.52 -11.76 5.65
CA GLN A 90 -25.78 -11.70 7.07
C GLN A 90 -27.16 -11.12 7.31
N THR A 91 -27.84 -11.64 8.31
CA THR A 91 -29.16 -11.13 8.69
C THR A 91 -29.34 -11.23 10.20
N TRP A 92 -30.60 -11.14 10.65
CA TRP A 92 -30.93 -11.27 12.05
C TRP A 92 -32.09 -12.26 12.20
N ASP A 93 -32.13 -12.99 13.32
CA ASP A 93 -33.25 -13.88 13.67
C ASP A 93 -33.30 -13.95 15.19
N SER A 94 -34.49 -14.12 15.75
CA SER A 94 -34.67 -14.21 17.20
C SER A 94 -33.89 -15.37 17.83
N SER A 95 -33.73 -16.49 17.09
CA SER A 95 -33.06 -17.70 17.60
C SER A 95 -31.52 -17.60 17.73
N THR A 96 -30.89 -16.71 16.97
CA THR A 96 -29.42 -16.60 16.98
C THR A 96 -28.88 -15.17 17.13
N ASP A 97 -29.77 -14.15 17.02
CA ASP A 97 -29.44 -12.72 16.95
C ASP A 97 -28.77 -12.54 15.55
N VAL A 98 -27.51 -12.05 15.46
CA VAL A 98 -26.85 -11.90 14.16
C VAL A 98 -26.39 -13.27 13.66
N VAL A 99 -26.75 -13.60 12.39
CA VAL A 99 -26.39 -14.85 11.75
C VAL A 99 -25.73 -14.56 10.42
N PHE A 100 -24.60 -15.24 10.14
CA PHE A 100 -23.87 -15.12 8.89
C PHE A 100 -24.03 -16.40 8.10
N GLY A 101 -23.96 -16.28 6.77
CA GLY A 101 -23.87 -17.43 5.89
C GLY A 101 -22.45 -17.94 6.01
N GLY A 102 -22.18 -19.14 5.47
CA GLY A 102 -20.85 -19.75 5.56
C GLY A 102 -19.77 -19.11 4.70
N GLY A 103 -20.18 -18.21 3.81
CA GLY A 103 -19.28 -17.53 2.88
C GLY A 103 -19.13 -18.27 1.56
N THR A 104 -18.94 -17.50 0.48
CA THR A 104 -18.72 -18.04 -0.87
C THR A 104 -17.43 -17.43 -1.40
N LYS A 105 -16.47 -18.28 -1.77
CA LYS A 105 -15.22 -17.83 -2.37
C LYS A 105 -15.45 -17.64 -3.86
N LEU A 106 -15.25 -16.41 -4.34
CA LEU A 106 -15.40 -16.11 -5.76
C LEU A 106 -14.05 -16.30 -6.45
N THR A 107 -13.98 -17.25 -7.39
CA THR A 107 -12.79 -17.52 -8.23
C THR A 107 -13.05 -16.94 -9.60
N VAL A 108 -12.04 -16.24 -10.16
CA VAL A 108 -12.15 -15.68 -11.51
C VAL A 108 -11.44 -16.62 -12.48
N LEU A 109 -12.15 -17.07 -13.50
CA LEU A 109 -11.61 -17.97 -14.53
C LEU A 109 -10.90 -17.14 -15.60
N ARG A 110 -9.66 -17.52 -15.91
CA ARG A 110 -8.84 -16.84 -16.91
C ARG A 110 -8.12 -17.88 -17.81
N THR A 111 -7.24 -17.41 -18.70
CA THR A 111 -6.51 -18.32 -19.57
C THR A 111 -5.43 -19.07 -18.80
N VAL A 112 -5.02 -20.23 -19.32
CA VAL A 112 -3.95 -21.03 -18.69
C VAL A 112 -2.64 -20.21 -18.70
N ALA A 113 -1.89 -20.22 -17.58
CA ALA A 113 -0.61 -19.54 -17.51
C ALA A 113 0.35 -20.52 -16.83
N ALA A 114 1.48 -20.80 -17.49
CA ALA A 114 2.47 -21.71 -16.92
C ALA A 114 3.21 -21.02 -15.78
N PRO A 115 3.66 -21.78 -14.77
CA PRO A 115 4.45 -21.16 -13.71
C PRO A 115 5.88 -20.86 -14.14
N SER A 116 6.44 -19.82 -13.54
CA SER A 116 7.90 -19.54 -13.60
C SER A 116 8.43 -20.23 -12.35
N VAL A 117 9.44 -21.12 -12.52
CA VAL A 117 9.94 -21.93 -11.41
C VAL A 117 11.31 -21.45 -10.94
N PHE A 118 11.50 -21.40 -9.61
CA PHE A 118 12.75 -20.95 -9.02
C PHE A 118 13.10 -21.87 -7.87
N ILE A 119 14.38 -22.21 -7.73
CA ILE A 119 14.82 -23.03 -6.62
C ILE A 119 15.82 -22.24 -5.78
N PHE A 120 15.74 -22.41 -4.46
CA PHE A 120 16.61 -21.70 -3.54
C PHE A 120 17.35 -22.67 -2.64
N PRO A 121 18.70 -22.61 -2.60
CA PRO A 121 19.42 -23.46 -1.67
C PRO A 121 19.23 -22.97 -0.22
N PRO A 122 19.58 -23.82 0.76
CA PRO A 122 19.56 -23.35 2.17
C PRO A 122 20.70 -22.35 2.38
N SER A 123 20.49 -21.42 3.31
CA SER A 123 21.52 -20.44 3.65
C SER A 123 22.59 -21.07 4.58
N ASP A 124 23.81 -20.54 4.54
CA ASP A 124 24.87 -21.00 5.44
C ASP A 124 24.50 -20.74 6.91
N GLU A 125 23.79 -19.64 7.18
CA GLU A 125 23.30 -19.28 8.53
C GLU A 125 22.40 -20.40 9.07
N GLN A 126 21.48 -20.92 8.25
CA GLN A 126 20.62 -22.02 8.68
C GLN A 126 21.42 -23.32 8.85
N LEU A 127 22.26 -23.65 7.86
CA LEU A 127 23.02 -24.91 7.91
C LEU A 127 23.78 -25.11 9.20
N LYS A 128 24.37 -24.03 9.74
CA LYS A 128 25.11 -24.15 11.01
C LYS A 128 24.28 -24.73 12.17
N SER A 129 22.94 -24.49 12.16
CA SER A 129 22.02 -24.97 13.21
C SER A 129 21.58 -26.44 13.07
N GLY A 130 22.00 -27.12 12.01
CA GLY A 130 21.74 -28.54 11.82
C GLY A 130 20.59 -28.92 10.92
N THR A 131 19.93 -27.94 10.29
CA THR A 131 18.79 -28.17 9.38
C THR A 131 19.01 -27.46 8.05
N ALA A 132 18.52 -28.06 6.95
CA ALA A 132 18.57 -27.45 5.64
C ALA A 132 17.13 -27.30 5.14
N SER A 133 16.71 -26.08 4.78
CA SER A 133 15.41 -25.90 4.12
C SER A 133 15.75 -25.54 2.66
N VAL A 134 15.22 -26.32 1.73
CA VAL A 134 15.39 -26.06 0.29
C VAL A 134 14.01 -25.60 -0.18
N VAL A 135 13.92 -24.47 -0.92
CA VAL A 135 12.62 -23.93 -1.29
C VAL A 135 12.44 -23.89 -2.80
N CYS A 136 11.24 -24.24 -3.26
CA CYS A 136 10.88 -24.22 -4.68
CA CYS A 136 10.89 -24.16 -4.66
C CYS A 136 9.68 -23.25 -4.78
N LEU A 137 9.79 -22.25 -5.67
CA LEU A 137 8.70 -21.30 -5.91
C LEU A 137 8.15 -21.53 -7.31
N LEU A 138 6.82 -21.63 -7.42
CA LEU A 138 6.09 -21.73 -8.70
C LEU A 138 5.34 -20.42 -8.75
N ASN A 139 5.75 -19.51 -9.64
CA ASN A 139 5.18 -18.18 -9.63
C ASN A 139 4.18 -17.90 -10.73
N ASN A 140 3.05 -17.27 -10.36
CA ASN A 140 2.02 -16.75 -11.26
C ASN A 140 1.51 -17.72 -12.31
N PHE A 141 0.85 -18.80 -11.85
CA PHE A 141 0.30 -19.81 -12.76
C PHE A 141 -1.22 -19.93 -12.65
N TYR A 142 -1.84 -20.54 -13.65
CA TYR A 142 -3.28 -20.74 -13.65
C TYR A 142 -3.58 -21.94 -14.55
N PRO A 143 -4.43 -22.93 -14.14
CA PRO A 143 -5.24 -23.00 -12.91
C PRO A 143 -4.41 -23.39 -11.68
N ARG A 144 -5.05 -23.48 -10.53
CA ARG A 144 -4.40 -23.78 -9.25
C ARG A 144 -3.72 -25.16 -9.19
N GLU A 145 -4.25 -26.17 -9.89
CA GLU A 145 -3.66 -27.52 -9.82
C GLU A 145 -2.24 -27.55 -10.35
N ALA A 146 -1.31 -28.02 -9.52
CA ALA A 146 0.09 -28.11 -9.87
C ALA A 146 0.72 -29.20 -9.03
N LYS A 147 1.74 -29.85 -9.56
CA LYS A 147 2.41 -30.90 -8.81
C LYS A 147 3.88 -30.58 -8.68
N VAL A 148 4.40 -30.65 -7.45
CA VAL A 148 5.82 -30.42 -7.18
C VAL A 148 6.40 -31.74 -6.67
N GLN A 149 7.51 -32.18 -7.28
CA GLN A 149 8.23 -33.38 -6.82
C GLN A 149 9.67 -32.99 -6.50
N TRP A 150 10.17 -33.36 -5.31
CA TRP A 150 11.54 -33.06 -4.93
C TRP A 150 12.36 -34.29 -5.23
N LYS A 151 13.57 -34.06 -5.76
CA LYS A 151 14.53 -35.14 -6.06
C LYS A 151 15.88 -34.73 -5.48
N VAL A 152 16.54 -35.65 -4.77
CA VAL A 152 17.87 -35.42 -4.18
C VAL A 152 18.76 -36.48 -4.78
N ASP A 153 19.75 -36.09 -5.62
CA ASP A 153 20.59 -37.02 -6.40
C ASP A 153 19.69 -38.00 -7.18
N ASN A 154 18.62 -37.45 -7.78
CA ASN A 154 17.63 -38.16 -8.59
C ASN A 154 16.74 -39.15 -7.80
N ALA A 155 16.75 -39.08 -6.45
CA ALA A 155 15.89 -39.95 -5.64
C ALA A 155 14.66 -39.15 -5.24
N LEU A 156 13.47 -39.66 -5.59
CA LEU A 156 12.22 -38.98 -5.23
C LEU A 156 12.07 -38.90 -3.70
N GLN A 157 11.68 -37.71 -3.22
CA GLN A 157 11.49 -37.48 -1.77
C GLN A 157 10.03 -37.64 -1.41
N SER A 158 9.76 -38.02 -0.15
CA SER A 158 8.40 -38.09 0.38
C SER A 158 8.43 -37.89 1.88
N GLY A 159 7.39 -37.27 2.43
CA GLY A 159 7.27 -37.07 3.87
C GLY A 159 8.06 -35.93 4.47
N ASN A 160 8.91 -35.28 3.67
CA ASN A 160 9.76 -34.19 4.16
C ASN A 160 9.52 -32.89 3.45
N SER A 161 8.31 -32.69 2.85
CA SER A 161 8.03 -31.41 2.20
C SER A 161 6.66 -30.91 2.63
N GLN A 162 6.51 -29.56 2.65
CA GLN A 162 5.22 -28.95 2.90
C GLN A 162 5.06 -27.82 1.92
N GLU A 163 3.81 -27.50 1.57
CA GLU A 163 3.64 -26.40 0.63
C GLU A 163 2.46 -25.56 1.01
N SER A 164 2.43 -24.35 0.48
CA SER A 164 1.25 -23.50 0.58
C SER A 164 1.08 -22.70 -0.69
N VAL A 165 -0.16 -22.30 -0.94
CA VAL A 165 -0.54 -21.62 -2.18
C VAL A 165 -1.21 -20.32 -1.83
N THR A 166 -0.88 -19.24 -2.57
CA THR A 166 -1.56 -17.97 -2.31
C THR A 166 -2.98 -18.04 -2.83
N GLU A 167 -3.80 -17.07 -2.42
CA GLU A 167 -5.12 -16.98 -3.01
C GLU A 167 -4.91 -16.26 -4.36
N GLN A 168 -5.93 -16.22 -5.21
CA GLN A 168 -5.80 -15.62 -6.51
C GLN A 168 -5.30 -14.20 -6.47
N ASP A 169 -4.37 -13.86 -7.35
CA ASP A 169 -3.81 -12.51 -7.43
C ASP A 169 -4.88 -11.49 -7.80
N SER A 170 -4.87 -10.34 -7.11
CA SER A 170 -5.86 -9.27 -7.30
C SER A 170 -5.72 -8.49 -8.61
N LYS A 171 -4.62 -8.73 -9.36
CA LYS A 171 -4.37 -8.04 -10.62
C LYS A 171 -4.43 -8.99 -11.82
N ASP A 172 -3.76 -10.16 -11.74
CA ASP A 172 -3.72 -11.09 -12.88
C ASP A 172 -4.44 -12.45 -12.70
N SER A 173 -5.10 -12.66 -11.55
CA SER A 173 -5.89 -13.87 -11.29
C SER A 173 -5.09 -15.16 -11.25
N THR A 174 -3.77 -15.08 -11.08
CA THR A 174 -2.96 -16.29 -11.00
C THR A 174 -2.77 -16.72 -9.54
N TYR A 175 -2.11 -17.85 -9.36
CA TYR A 175 -1.74 -18.38 -8.04
C TYR A 175 -0.22 -18.52 -8.01
N SER A 176 0.35 -18.59 -6.80
CA SER A 176 1.76 -18.91 -6.64
C SER A 176 1.85 -19.99 -5.57
N LEU A 177 2.91 -20.78 -5.58
CA LEU A 177 3.06 -21.90 -4.65
C LEU A 177 4.48 -21.95 -4.16
N SER A 178 4.65 -22.16 -2.85
CA SER A 178 5.97 -22.30 -2.26
C SER A 178 6.00 -23.67 -1.61
N SER A 179 7.06 -24.45 -1.89
CA SER A 179 7.26 -25.79 -1.31
C SER A 179 8.61 -25.79 -0.60
N THR A 180 8.64 -26.32 0.62
CA THR A 180 9.90 -26.40 1.38
C THR A 180 10.23 -27.86 1.63
N LEU A 181 11.43 -28.27 1.25
CA LEU A 181 11.97 -29.60 1.54
C LEU A 181 12.84 -29.43 2.76
N THR A 182 12.62 -30.23 3.83
CA THR A 182 13.43 -30.11 5.03
C THR A 182 14.33 -31.31 5.16
N LEU A 183 15.66 -31.08 5.30
CA LEU A 183 16.63 -32.17 5.50
C LEU A 183 17.49 -31.84 6.68
N SER A 184 18.09 -32.85 7.31
CA SER A 184 19.08 -32.55 8.35
C SER A 184 20.32 -32.02 7.61
N LYS A 185 21.19 -31.22 8.28
CA LYS A 185 22.42 -30.75 7.64
C LYS A 185 23.26 -31.99 7.23
N ALA A 186 23.29 -33.06 8.05
CA ALA A 186 24.09 -34.26 7.72
C ALA A 186 23.62 -34.88 6.39
N ASP A 187 22.28 -34.98 6.20
CA ASP A 187 21.75 -35.54 4.95
C ASP A 187 22.00 -34.58 3.79
N TYR A 188 21.87 -33.27 4.02
CA TYR A 188 22.12 -32.28 2.97
C TYR A 188 23.57 -32.39 2.45
N GLU A 189 24.52 -32.51 3.38
CA GLU A 189 25.94 -32.60 3.05
C GLU A 189 26.35 -33.93 2.36
N LYS A 190 25.49 -34.96 2.44
CA LYS A 190 25.74 -36.29 1.85
C LYS A 190 25.34 -36.36 0.37
N HIS A 191 24.62 -35.33 -0.12
CA HIS A 191 24.14 -35.35 -1.50
C HIS A 191 24.58 -34.12 -2.30
N LYS A 192 24.50 -34.21 -3.62
CA LYS A 192 24.97 -33.14 -4.50
C LYS A 192 23.88 -32.39 -5.25
N VAL A 193 23.01 -33.11 -5.96
CA VAL A 193 22.01 -32.49 -6.84
C VAL A 193 20.65 -32.34 -6.17
N TYR A 194 20.16 -31.09 -6.10
CA TYR A 194 18.87 -30.77 -5.48
C TYR A 194 17.97 -30.25 -6.55
N ALA A 195 16.81 -30.89 -6.72
CA ALA A 195 15.95 -30.50 -7.81
C ALA A 195 14.48 -30.49 -7.43
N CYS A 196 13.74 -29.54 -8.03
CA CYS A 196 12.29 -29.57 -7.93
CA CYS A 196 12.31 -29.36 -7.92
C CYS A 196 11.71 -29.65 -9.32
N GLU A 197 10.84 -30.65 -9.49
CA GLU A 197 10.22 -30.97 -10.80
C GLU A 197 8.76 -30.57 -10.74
N VAL A 198 8.35 -29.75 -11.70
CA VAL A 198 7.00 -29.16 -11.70
C VAL A 198 6.20 -29.63 -12.91
N THR A 199 4.96 -30.08 -12.66
CA THR A 199 3.96 -30.51 -13.64
C THR A 199 2.78 -29.54 -13.55
N HIS A 200 2.35 -29.01 -14.67
CA HIS A 200 1.22 -28.06 -14.72
C HIS A 200 0.65 -28.08 -16.13
N GLN A 201 -0.66 -27.83 -16.27
CA GLN A 201 -1.34 -27.81 -17.57
C GLN A 201 -0.67 -26.87 -18.59
N GLY A 202 -0.05 -25.78 -18.13
CA GLY A 202 0.57 -24.79 -18.99
C GLY A 202 1.92 -25.20 -19.55
N LEU A 203 2.46 -26.33 -19.04
CA LEU A 203 3.76 -26.89 -19.44
C LEU A 203 3.53 -28.14 -20.30
N SER A 204 4.13 -28.18 -21.49
CA SER A 204 3.99 -29.34 -22.38
C SER A 204 4.72 -30.58 -21.82
N SER A 205 5.77 -30.35 -21.01
CA SER A 205 6.58 -31.38 -20.34
C SER A 205 6.94 -30.83 -18.95
N PRO A 206 7.18 -31.68 -17.92
CA PRO A 206 7.57 -31.13 -16.61
C PRO A 206 8.85 -30.30 -16.66
N VAL A 207 8.92 -29.26 -15.83
CA VAL A 207 10.08 -28.38 -15.77
C VAL A 207 10.86 -28.71 -14.51
N THR A 208 12.18 -28.92 -14.63
CA THR A 208 13.02 -29.17 -13.44
C THR A 208 13.99 -28.00 -13.26
N LYS A 209 14.08 -27.46 -12.03
CA LYS A 209 15.07 -26.47 -11.66
C LYS A 209 15.92 -27.11 -10.60
N SER A 210 17.21 -26.93 -10.72
CA SER A 210 18.12 -27.58 -9.78
C SER A 210 19.34 -26.76 -9.49
N PHE A 211 20.07 -27.16 -8.45
CA PHE A 211 21.37 -26.62 -8.12
C PHE A 211 22.23 -27.77 -7.59
N ASN A 212 23.55 -27.60 -7.64
CA ASN A 212 24.49 -28.55 -7.09
C ASN A 212 25.04 -27.93 -5.80
N ARG A 213 24.97 -28.66 -4.67
CA ARG A 213 25.49 -28.16 -3.40
C ARG A 213 26.99 -27.86 -3.59
N GLY A 214 27.41 -26.65 -3.25
CA GLY A 214 28.80 -26.22 -3.34
C GLY A 214 29.26 -25.73 -4.69
N GLU A 215 28.31 -25.31 -5.56
CA GLU A 215 28.62 -24.79 -6.90
C GLU A 215 27.94 -23.45 -7.13
N SER B 3 10.69 25.16 -33.10
CA SER B 3 10.42 23.99 -32.28
C SER B 3 8.91 23.81 -32.05
N TYR B 4 8.40 22.60 -32.30
CA TYR B 4 7.00 22.25 -32.17
C TYR B 4 6.55 22.25 -30.70
N GLU B 5 5.42 22.92 -30.41
CA GLU B 5 4.90 23.06 -29.04
C GLU B 5 3.47 22.58 -28.87
N LEU B 6 3.21 21.89 -27.74
CA LEU B 6 1.90 21.40 -27.34
C LEU B 6 1.39 22.27 -26.21
N THR B 7 0.15 22.76 -26.32
CA THR B 7 -0.45 23.66 -25.36
C THR B 7 -1.50 23.00 -24.49
N GLN B 8 -1.29 23.04 -23.18
CA GLN B 8 -2.27 22.53 -22.23
C GLN B 8 -2.52 23.64 -21.21
N LEU B 9 -3.75 23.75 -20.70
CA LEU B 9 -4.03 24.71 -19.62
C LEU B 9 -3.43 24.13 -18.35
N PRO B 10 -2.79 24.94 -17.49
CA PRO B 10 -2.14 24.35 -16.30
C PRO B 10 -3.11 23.75 -15.28
N SER B 11 -4.36 24.23 -15.26
CA SER B 11 -5.31 23.71 -14.27
C SER B 11 -6.71 23.59 -14.82
N LEU B 12 -7.43 22.60 -14.30
CA LEU B 12 -8.83 22.37 -14.62
C LEU B 12 -9.50 21.87 -13.35
N SER B 13 -10.66 22.47 -13.03
CA SER B 13 -11.48 22.09 -11.88
C SER B 13 -12.77 21.44 -12.36
N VAL B 14 -13.15 20.33 -11.73
CA VAL B 14 -14.38 19.60 -12.10
C VAL B 14 -15.13 19.17 -10.83
N SER B 15 -16.46 19.26 -10.82
CA SER B 15 -17.21 18.78 -9.65
CA SER B 15 -17.26 18.79 -9.70
C SER B 15 -17.16 17.27 -9.61
N LEU B 16 -17.18 16.71 -8.41
CA LEU B 16 -17.16 15.26 -8.22
C LEU B 16 -18.37 14.68 -8.98
N GLY B 17 -18.12 13.62 -9.75
CA GLY B 17 -19.14 12.94 -10.54
C GLY B 17 -19.41 13.57 -11.89
N GLN B 18 -18.74 14.71 -12.19
CA GLN B 18 -18.91 15.40 -13.47
C GLN B 18 -17.87 15.08 -14.56
N THR B 19 -18.02 15.68 -15.76
CA THR B 19 -17.13 15.38 -16.89
C THR B 19 -15.99 16.37 -16.99
N ALA B 20 -14.76 15.87 -17.07
CA ALA B 20 -13.59 16.71 -17.25
C ALA B 20 -13.18 16.58 -18.69
N SER B 21 -12.88 17.69 -19.37
CA SER B 21 -12.39 17.64 -20.76
C SER B 21 -11.02 18.32 -20.78
N ILE B 22 -9.97 17.52 -20.82
CA ILE B 22 -8.60 18.04 -20.80
C ILE B 22 -8.14 18.18 -22.22
N THR B 23 -7.78 19.40 -22.61
CA THR B 23 -7.40 19.69 -23.99
C THR B 23 -5.89 19.84 -24.17
N CYS B 24 -5.45 19.54 -25.37
CA CYS B 24 -4.07 19.60 -25.81
C CYS B 24 -4.13 20.15 -27.25
N SER B 25 -3.50 21.31 -27.51
CA SER B 25 -3.52 21.88 -28.86
C SER B 25 -2.14 22.02 -29.47
N GLY B 26 -2.09 21.88 -30.79
CA GLY B 26 -0.85 21.98 -31.54
C GLY B 26 -1.14 22.12 -33.02
N ASP B 27 -0.17 22.62 -33.78
CA ASP B 27 -0.28 22.80 -35.23
C ASP B 27 -0.20 21.42 -35.91
N ASN B 28 -1.17 21.12 -36.78
CA ASN B 28 -1.22 19.84 -37.52
C ASN B 28 -1.35 18.64 -36.57
N LEU B 29 -2.05 18.86 -35.43
CA LEU B 29 -2.24 17.86 -34.35
C LEU B 29 -3.21 16.74 -34.71
N GLY B 30 -4.29 17.09 -35.41
CA GLY B 30 -5.26 16.12 -35.88
C GLY B 30 -4.66 15.11 -36.83
N ASP B 31 -3.49 15.47 -37.42
CA ASP B 31 -2.70 14.65 -38.35
C ASP B 31 -1.66 13.76 -37.64
N LYS B 32 -1.46 13.96 -36.31
CA LYS B 32 -0.49 13.20 -35.50
C LYS B 32 -1.25 12.32 -34.52
N PHE B 33 -0.60 11.28 -33.98
CA PHE B 33 -1.20 10.45 -32.95
C PHE B 33 -0.79 11.03 -31.60
N VAL B 34 -1.77 11.15 -30.71
CA VAL B 34 -1.53 11.72 -29.36
C VAL B 34 -1.77 10.66 -28.31
N CYS B 35 -0.96 10.70 -27.25
CA CYS B 35 -1.17 9.80 -26.14
CA CYS B 35 -1.10 9.81 -26.11
C CYS B 35 -1.24 10.63 -24.86
N TRP B 36 -1.78 10.03 -23.80
CA TRP B 36 -1.97 10.72 -22.54
C TRP B 36 -1.39 9.95 -21.40
N TYR B 37 -0.80 10.68 -20.44
CA TYR B 37 -0.27 10.09 -19.22
C TYR B 37 -0.95 10.72 -18.02
N GLN B 38 -1.24 9.92 -17.01
CA GLN B 38 -1.75 10.37 -15.72
C GLN B 38 -0.59 10.27 -14.72
N GLN B 39 -0.30 11.36 -14.00
CA GLN B 39 0.75 11.31 -12.99
C GLN B 39 0.19 11.81 -11.66
N LYS B 40 0.05 10.90 -10.73
CA LYS B 40 -0.37 11.25 -9.37
C LYS B 40 0.82 11.84 -8.63
N PRO B 41 0.56 12.68 -7.59
CA PRO B 41 1.66 13.34 -6.88
C PRO B 41 2.72 12.39 -6.32
N GLY B 42 3.97 12.64 -6.68
CA GLY B 42 5.11 11.82 -6.29
C GLY B 42 5.13 10.42 -6.89
N GLN B 43 4.30 10.16 -7.92
CA GLN B 43 4.24 8.83 -8.52
C GLN B 43 4.75 8.83 -9.97
N THR B 44 4.99 7.64 -10.49
CA THR B 44 5.44 7.41 -11.87
C THR B 44 4.27 7.70 -12.84
N PRO B 45 4.50 8.36 -13.99
CA PRO B 45 3.41 8.53 -14.94
C PRO B 45 2.89 7.19 -15.46
N VAL B 46 1.57 7.15 -15.79
CA VAL B 46 0.91 5.95 -16.26
C VAL B 46 0.25 6.29 -17.59
N LEU B 47 0.44 5.42 -18.60
CA LEU B 47 -0.20 5.64 -19.89
C LEU B 47 -1.72 5.37 -19.74
N VAL B 48 -2.56 6.33 -20.11
CA VAL B 48 -4.01 6.13 -20.00
C VAL B 48 -4.73 6.12 -21.33
N MET B 49 -4.04 6.56 -22.43
CA MET B 49 -4.67 6.67 -23.75
C MET B 49 -3.56 6.75 -24.77
N TYR B 50 -3.69 6.01 -25.86
CA TYR B 50 -2.66 6.05 -26.92
C TYR B 50 -3.32 6.04 -28.29
N GLU B 51 -2.60 6.44 -29.34
CA GLU B 51 -3.14 6.51 -30.71
C GLU B 51 -4.50 7.22 -30.70
N ASP B 52 -4.54 8.39 -30.01
CA ASP B 52 -5.71 9.26 -29.83
C ASP B 52 -6.83 8.70 -28.95
N THR B 53 -7.29 7.47 -29.24
CA THR B 53 -8.52 6.92 -28.66
C THR B 53 -8.43 5.54 -28.01
N LYS B 54 -7.24 4.92 -28.01
CA LYS B 54 -7.11 3.56 -27.48
C LYS B 54 -6.76 3.52 -26.00
N ARG B 55 -7.57 2.79 -25.22
CA ARG B 55 -7.32 2.64 -23.80
C ARG B 55 -6.48 1.42 -23.53
N PRO B 56 -5.36 1.56 -22.78
CA PRO B 56 -4.62 0.37 -22.35
C PRO B 56 -5.51 -0.45 -21.41
N SER B 57 -5.18 -1.75 -21.25
CA SER B 57 -5.90 -2.65 -20.35
C SER B 57 -5.77 -2.11 -18.93
N GLY B 58 -6.86 -2.21 -18.15
CA GLY B 58 -6.89 -1.73 -16.78
C GLY B 58 -7.33 -0.28 -16.63
N ILE B 59 -7.41 0.48 -17.74
CA ILE B 59 -7.85 1.89 -17.67
C ILE B 59 -9.37 1.92 -17.74
N PRO B 60 -10.06 2.60 -16.78
CA PRO B 60 -11.54 2.60 -16.79
C PRO B 60 -12.15 3.16 -18.06
N GLU B 61 -13.34 2.65 -18.43
CA GLU B 61 -14.11 3.11 -19.59
C GLU B 61 -14.54 4.58 -19.46
N ARG B 62 -14.45 5.14 -18.24
CA ARG B 62 -14.77 6.56 -17.99
C ARG B 62 -13.79 7.49 -18.70
N PHE B 63 -12.60 6.96 -19.09
CA PHE B 63 -11.61 7.71 -19.83
C PHE B 63 -11.87 7.52 -21.32
N ALA B 64 -11.91 8.63 -22.07
CA ALA B 64 -12.10 8.54 -23.53
C ALA B 64 -11.24 9.58 -24.21
N GLY B 65 -10.69 9.21 -25.35
CA GLY B 65 -9.87 10.14 -26.10
C GLY B 65 -10.46 10.51 -27.43
N SER B 66 -10.08 11.66 -27.92
CA SER B 66 -10.47 12.11 -29.26
C SER B 66 -9.37 13.03 -29.76
N ASN B 67 -9.24 13.12 -31.07
CA ASN B 67 -8.27 13.98 -31.71
C ASN B 67 -8.90 14.36 -33.01
N SER B 68 -9.44 15.57 -33.04
CA SER B 68 -10.17 16.10 -34.16
C SER B 68 -9.84 17.57 -34.26
N GLY B 69 -9.55 18.04 -35.46
CA GLY B 69 -9.16 19.42 -35.67
C GLY B 69 -7.76 19.71 -35.18
N ASN B 70 -7.62 20.81 -34.42
CA ASN B 70 -6.33 21.29 -33.92
C ASN B 70 -6.11 20.87 -32.45
N THR B 71 -7.04 20.09 -31.88
CA THR B 71 -7.00 19.73 -30.46
C THR B 71 -7.27 18.25 -30.21
N ALA B 72 -6.54 17.70 -29.26
CA ALA B 72 -6.73 16.36 -28.76
C ALA B 72 -7.40 16.57 -27.39
N THR B 73 -8.37 15.74 -27.04
CA THR B 73 -9.08 15.88 -25.77
C THR B 73 -9.15 14.57 -25.04
N LEU B 74 -8.88 14.60 -23.74
CA LEU B 74 -9.08 13.42 -22.91
C LEU B 74 -10.29 13.75 -22.06
N THR B 75 -11.36 12.97 -22.19
CA THR B 75 -12.51 13.24 -21.32
C THR B 75 -12.59 12.19 -20.25
N ILE B 76 -13.02 12.60 -19.05
CA ILE B 76 -13.19 11.71 -17.93
C ILE B 76 -14.62 11.90 -17.41
N THR B 77 -15.46 10.86 -17.48
CA THR B 77 -16.83 10.96 -16.95
C THR B 77 -16.88 10.51 -15.50
N GLY B 78 -17.90 10.96 -14.76
CA GLY B 78 -18.08 10.60 -13.36
C GLY B 78 -16.79 10.76 -12.57
N THR B 79 -16.14 11.94 -12.71
CA THR B 79 -14.83 12.22 -12.09
C THR B 79 -14.83 11.84 -10.61
N GLN B 80 -13.81 11.06 -10.23
CA GLN B 80 -13.67 10.57 -8.87
C GLN B 80 -12.45 11.22 -8.21
N ALA B 81 -12.37 11.14 -6.88
CA ALA B 81 -11.20 11.65 -6.18
C ALA B 81 -9.94 10.89 -6.67
N MET B 82 -10.09 9.61 -7.07
CA MET B 82 -8.97 8.81 -7.58
C MET B 82 -8.41 9.31 -8.93
N ASP B 83 -9.13 10.23 -9.61
CA ASP B 83 -8.71 10.82 -10.88
C ASP B 83 -7.88 12.10 -10.68
N GLU B 84 -7.77 12.57 -9.41
CA GLU B 84 -6.98 13.77 -9.14
C GLU B 84 -5.55 13.45 -9.51
N ALA B 85 -4.99 14.23 -10.44
CA ALA B 85 -3.64 14.00 -10.94
C ALA B 85 -3.25 15.09 -11.91
N ASP B 86 -2.00 15.05 -12.39
CA ASP B 86 -1.56 15.91 -13.48
C ASP B 86 -1.65 15.02 -14.74
N TYR B 87 -2.20 15.56 -15.82
CA TYR B 87 -2.36 14.85 -17.09
C TYR B 87 -1.51 15.51 -18.15
N TYR B 88 -0.71 14.70 -18.86
CA TYR B 88 0.17 15.20 -19.91
C TYR B 88 -0.19 14.56 -21.23
N CYS B 89 -0.31 15.39 -22.29
CA CYS B 89 -0.46 14.86 -23.63
C CYS B 89 0.95 14.75 -24.23
N GLN B 90 1.10 13.91 -25.25
CA GLN B 90 2.42 13.76 -25.85
C GLN B 90 2.27 13.30 -27.29
N THR B 91 3.18 13.77 -28.15
CA THR B 91 3.21 13.37 -29.55
C THR B 91 4.66 13.39 -30.03
N TRP B 92 4.85 13.32 -31.36
CA TRP B 92 6.16 13.36 -31.96
C TRP B 92 6.16 14.49 -33.00
N ASP B 93 7.35 15.07 -33.29
CA ASP B 93 7.54 16.02 -34.38
C ASP B 93 9.01 15.99 -34.84
N SER B 94 9.26 16.26 -36.12
CA SER B 94 10.61 16.25 -36.67
C SER B 94 11.55 17.27 -35.99
N SER B 95 11.01 18.44 -35.58
CA SER B 95 11.78 19.53 -34.96
C SER B 95 12.22 19.29 -33.51
N THR B 96 11.52 18.41 -32.77
CA THR B 96 11.84 18.16 -31.35
C THR B 96 11.91 16.68 -30.96
N ASP B 97 11.50 15.76 -31.86
CA ASP B 97 11.35 14.32 -31.63
C ASP B 97 10.11 14.17 -30.71
N VAL B 98 10.24 13.62 -29.49
CA VAL B 98 9.08 13.52 -28.59
C VAL B 98 8.82 14.86 -27.92
N VAL B 99 7.55 15.31 -27.93
CA VAL B 99 7.12 16.55 -27.28
C VAL B 99 5.97 16.29 -26.32
N PHE B 100 6.05 16.86 -25.12
CA PHE B 100 5.00 16.77 -24.13
C PHE B 100 4.33 18.13 -23.98
N GLY B 101 3.07 18.11 -23.62
CA GLY B 101 2.34 19.33 -23.23
C GLY B 101 2.85 19.69 -21.84
N GLY B 102 2.51 20.88 -21.35
CA GLY B 102 2.96 21.35 -20.05
C GLY B 102 2.30 20.69 -18.85
N GLY B 103 1.24 19.92 -19.10
CA GLY B 103 0.47 19.21 -18.08
C GLY B 103 -0.69 20.04 -17.57
N THR B 104 -1.77 19.36 -17.21
CA THR B 104 -2.96 19.98 -16.62
C THR B 104 -3.22 19.29 -15.28
N LYS B 105 -3.26 20.09 -14.18
CA LYS B 105 -3.57 19.53 -12.87
C LYS B 105 -5.10 19.50 -12.75
N LEU B 106 -5.68 18.30 -12.55
CA LEU B 106 -7.13 18.15 -12.36
C LEU B 106 -7.47 18.24 -10.88
N THR B 107 -8.26 19.27 -10.49
CA THR B 107 -8.74 19.48 -9.12
C THR B 107 -10.21 19.06 -9.09
N VAL B 108 -10.60 18.30 -8.04
CA VAL B 108 -12.00 17.89 -7.87
C VAL B 108 -12.65 18.83 -6.85
N LEU B 109 -13.76 19.45 -7.27
CA LEU B 109 -14.52 20.37 -6.44
C LEU B 109 -15.50 19.57 -5.57
N ARG B 110 -15.49 19.85 -4.25
CA ARG B 110 -16.32 19.17 -3.28
C ARG B 110 -16.90 20.19 -2.28
N THR B 111 -17.62 19.70 -1.26
CA THR B 111 -18.21 20.59 -0.25
C THR B 111 -17.13 21.16 0.65
N VAL B 112 -17.43 22.31 1.29
CA VAL B 112 -16.48 22.91 2.24
C VAL B 112 -16.28 21.95 3.44
N ALA B 113 -15.03 21.81 3.90
CA ALA B 113 -14.74 20.96 5.07
C ALA B 113 -13.77 21.76 5.93
N ALA B 114 -14.13 21.96 7.20
CA ALA B 114 -13.24 22.70 8.10
C ALA B 114 -12.04 21.85 8.48
N PRO B 115 -10.89 22.47 8.75
CA PRO B 115 -9.73 21.67 9.20
C PRO B 115 -9.85 21.27 10.67
N SER B 116 -9.27 20.11 10.99
CA SER B 116 -9.03 19.68 12.37
C SER B 116 -7.61 20.20 12.65
N VAL B 117 -7.44 20.98 13.76
CA VAL B 117 -6.17 21.64 14.04
C VAL B 117 -5.46 20.97 15.22
N PHE B 118 -4.14 20.77 15.09
CA PHE B 118 -3.34 20.14 16.13
C PHE B 118 -2.05 20.94 16.26
N ILE B 119 -1.58 21.11 17.51
CA ILE B 119 -0.32 21.78 17.74
C ILE B 119 0.64 20.81 18.44
N PHE B 120 1.93 20.86 18.06
CA PHE B 120 2.93 20.00 18.63
C PHE B 120 4.07 20.79 19.22
N PRO B 121 4.41 20.58 20.51
CA PRO B 121 5.57 21.27 21.07
C PRO B 121 6.87 20.67 20.51
N PRO B 122 8.00 21.38 20.67
CA PRO B 122 9.29 20.78 20.29
C PRO B 122 9.65 19.65 21.25
N SER B 123 10.41 18.69 20.75
CA SER B 123 10.87 17.58 21.57
C SER B 123 12.08 18.00 22.44
N ASP B 124 12.27 17.34 23.59
CA ASP B 124 13.43 17.60 24.43
C ASP B 124 14.73 17.25 23.68
N GLU B 125 14.69 16.20 22.83
CA GLU B 125 15.87 15.79 22.01
C GLU B 125 16.31 16.95 21.09
N GLN B 126 15.35 17.64 20.47
CA GLN B 126 15.71 18.77 19.62
C GLN B 126 16.20 19.96 20.47
N LEU B 127 15.49 20.28 21.56
CA LEU B 127 15.84 21.44 22.39
C LEU B 127 17.28 21.44 22.83
N LYS B 128 17.83 20.26 23.18
CA LYS B 128 19.23 20.19 23.61
C LYS B 128 20.22 20.75 22.56
N SER B 129 19.87 20.68 21.25
CA SER B 129 20.72 21.18 20.16
C SER B 129 20.66 22.69 19.89
N GLY B 130 19.80 23.40 20.63
CA GLY B 130 19.71 24.85 20.55
C GLY B 130 18.61 25.44 19.69
N THR B 131 17.74 24.59 19.11
CA THR B 131 16.63 25.03 18.25
C THR B 131 15.32 24.41 18.70
N ALA B 132 14.22 25.16 18.53
CA ALA B 132 12.88 24.66 18.84
C ALA B 132 12.06 24.72 17.56
N SER B 133 11.49 23.58 17.14
CA SER B 133 10.52 23.59 16.04
C SER B 133 9.14 23.33 16.67
N VAL B 134 8.21 24.24 16.45
CA VAL B 134 6.83 24.11 16.93
C VAL B 134 6.00 23.85 15.66
N VAL B 135 5.16 22.79 15.64
CA VAL B 135 4.44 22.44 14.41
C VAL B 135 2.93 22.54 14.60
N CYS B 136 2.25 23.08 13.58
CA CYS B 136 0.79 23.21 13.57
CA CYS B 136 0.80 23.14 13.57
C CYS B 136 0.32 22.40 12.35
N LEU B 137 -0.63 21.47 12.57
CA LEU B 137 -1.20 20.66 11.49
C LEU B 137 -2.66 21.08 11.30
N LEU B 138 -3.05 21.33 10.05
CA LEU B 138 -4.45 21.61 9.66
C LEU B 138 -4.82 20.39 8.82
N ASN B 139 -5.68 19.54 9.34
CA ASN B 139 -5.96 18.27 8.68
C ASN B 139 -7.28 18.21 7.96
N ASN B 140 -7.24 17.69 6.70
CA ASN B 140 -8.41 17.37 5.88
C ASN B 140 -9.42 18.48 5.72
N PHE B 141 -9.02 19.59 5.07
CA PHE B 141 -9.91 20.73 4.84
C PHE B 141 -10.15 20.99 3.36
N TYR B 142 -11.18 21.77 3.05
CA TYR B 142 -11.49 22.12 1.67
C TYR B 142 -12.29 23.42 1.72
N PRO B 143 -11.97 24.46 0.87
CA PRO B 143 -10.95 24.51 -0.19
C PRO B 143 -9.53 24.68 0.35
N ARG B 144 -8.56 24.75 -0.55
CA ARG B 144 -7.14 24.86 -0.19
C ARG B 144 -6.76 26.14 0.58
N GLU B 145 -7.45 27.27 0.31
CA GLU B 145 -7.09 28.52 1.00
C GLU B 145 -7.28 28.43 2.51
N ALA B 146 -6.22 28.73 3.24
CA ALA B 146 -6.23 28.70 4.70
C ALA B 146 -5.15 29.63 5.20
N LYS B 147 -5.37 30.20 6.37
CA LYS B 147 -4.37 31.10 6.93
C LYS B 147 -3.96 30.61 8.30
N VAL B 148 -2.65 30.53 8.54
CA VAL B 148 -2.09 30.13 9.82
C VAL B 148 -1.33 31.31 10.38
N GLN B 149 -1.59 31.69 11.63
CA GLN B 149 -0.85 32.76 12.32
C GLN B 149 -0.27 32.19 13.62
N TRP B 150 1.04 32.39 13.84
CA TRP B 150 1.69 31.92 15.05
C TRP B 150 1.74 33.06 16.03
N LYS B 151 1.47 32.76 17.31
CA LYS B 151 1.51 33.74 18.41
C LYS B 151 2.32 33.14 19.54
N VAL B 152 3.25 33.92 20.07
CA VAL B 152 4.11 33.49 21.20
C VAL B 152 3.85 34.51 22.30
N ASP B 153 3.22 34.08 23.44
CA ASP B 153 2.77 34.97 24.51
C ASP B 153 1.90 36.11 23.92
N ASN B 154 1.01 35.73 22.98
CA ASN B 154 0.09 36.62 22.28
C ASN B 154 0.75 37.61 21.30
N ALA B 155 2.06 37.44 21.00
CA ALA B 155 2.74 38.32 20.04
C ALA B 155 2.78 37.63 18.68
N LEU B 156 2.24 38.30 17.64
CA LEU B 156 2.22 37.73 16.31
C LEU B 156 3.65 37.52 15.80
N GLN B 157 3.91 36.35 15.20
CA GLN B 157 5.24 36.03 14.68
C GLN B 157 5.27 36.29 13.17
N SER B 158 6.46 36.60 12.65
CA SER B 158 6.67 36.78 11.22
C SER B 158 8.12 36.45 10.88
N GLY B 159 8.34 35.93 9.67
CA GLY B 159 9.67 35.60 9.17
C GLY B 159 10.30 34.31 9.70
N ASN B 160 9.65 33.65 10.67
CA ASN B 160 10.21 32.44 11.27
C ASN B 160 9.32 31.24 11.10
N SER B 161 8.43 31.23 10.07
CA SER B 161 7.60 30.05 9.83
C SER B 161 7.65 29.66 8.36
N GLN B 162 7.48 28.36 8.08
CA GLN B 162 7.35 27.86 6.72
C GLN B 162 6.26 26.85 6.70
N GLU B 163 5.62 26.68 5.55
CA GLU B 163 4.54 25.70 5.49
C GLU B 163 4.54 24.98 4.19
N SER B 164 3.88 23.82 4.19
CA SER B 164 3.63 23.11 2.95
C SER B 164 2.25 22.46 3.02
N VAL B 165 1.70 22.21 1.83
CA VAL B 165 0.34 21.70 1.69
C VAL B 165 0.38 20.45 0.84
N THR B 166 -0.39 19.41 1.23
CA THR B 166 -0.42 18.18 0.42
C THR B 166 -1.24 18.46 -0.83
N GLU B 167 -1.10 17.56 -1.80
CA GLU B 167 -1.98 17.62 -2.94
C GLU B 167 -3.33 17.05 -2.49
N GLN B 168 -4.38 17.20 -3.31
CA GLN B 168 -5.69 16.70 -2.93
C GLN B 168 -5.70 15.25 -2.57
N ASP B 169 -6.41 14.90 -1.50
CA ASP B 169 -6.50 13.51 -1.04
C ASP B 169 -7.20 12.64 -2.07
N SER B 170 -6.64 11.44 -2.33
CA SER B 170 -7.16 10.50 -3.33
C SER B 170 -8.50 9.82 -2.95
N LYS B 171 -8.94 9.99 -1.70
CA LYS B 171 -10.19 9.40 -1.21
C LYS B 171 -11.25 10.45 -0.90
N ASP B 172 -10.89 11.54 -0.20
CA ASP B 172 -11.89 12.55 0.20
C ASP B 172 -11.74 13.96 -0.42
N SER B 173 -10.77 14.13 -1.32
CA SER B 173 -10.55 15.40 -2.03
C SER B 173 -10.18 16.59 -1.16
N THR B 174 -9.71 16.34 0.07
CA THR B 174 -9.33 17.45 0.94
C THR B 174 -7.82 17.72 0.83
N TYR B 175 -7.39 18.77 1.53
CA TYR B 175 -5.98 19.15 1.62
C TYR B 175 -5.59 19.12 3.09
N SER B 176 -4.28 19.02 3.36
CA SER B 176 -3.78 19.16 4.73
C SER B 176 -2.60 20.12 4.64
N LEU B 177 -2.27 20.79 5.76
CA LEU B 177 -1.20 21.78 5.78
C LEU B 177 -0.41 21.63 7.05
N SER B 178 0.92 21.72 6.93
CA SER B 178 1.81 21.63 8.09
C SER B 178 2.60 22.94 8.08
N SER B 179 2.64 23.61 9.24
CA SER B 179 3.41 24.86 9.42
C SER B 179 4.40 24.65 10.54
N THR B 180 5.65 25.08 10.35
CA THR B 180 6.67 24.95 11.38
C THR B 180 7.15 26.34 11.77
N LEU B 181 7.10 26.64 13.06
CA LEU B 181 7.65 27.87 13.63
C LEU B 181 9.02 27.50 14.18
N THR B 182 10.09 28.24 13.77
CA THR B 182 11.43 27.91 14.27
C THR B 182 11.90 28.99 15.21
N LEU B 183 12.31 28.62 16.44
CA LEU B 183 12.84 29.57 17.43
C LEU B 183 14.14 29.04 17.96
N SER B 184 15.00 29.92 18.47
CA SER B 184 16.19 29.43 19.17
C SER B 184 15.69 28.81 20.49
N LYS B 185 16.45 27.87 21.10
CA LYS B 185 16.06 27.32 22.41
C LYS B 185 15.97 28.48 23.42
N ALA B 186 16.91 29.47 23.37
CA ALA B 186 16.90 30.60 24.32
C ALA B 186 15.58 31.38 24.23
N ASP B 187 15.11 31.65 23.00
CA ASP B 187 13.85 32.37 22.82
C ASP B 187 12.68 31.50 23.26
N TYR B 188 12.72 30.20 22.95
CA TYR B 188 11.64 29.28 23.36
C TYR B 188 11.48 29.27 24.88
N GLU B 189 12.60 29.22 25.60
CA GLU B 189 12.61 29.18 27.06
C GLU B 189 12.18 30.50 27.74
N LYS B 190 12.20 31.61 26.99
CA LYS B 190 11.83 32.96 27.48
C LYS B 190 10.32 33.18 27.45
N HIS B 191 9.56 32.30 26.79
CA HIS B 191 8.11 32.49 26.64
C HIS B 191 7.31 31.30 27.14
N LYS B 192 6.01 31.52 27.39
CA LYS B 192 5.15 30.49 27.95
C LYS B 192 4.11 29.93 27.00
N VAL B 193 3.31 30.79 26.38
CA VAL B 193 2.15 30.38 25.58
C VAL B 193 2.47 30.32 24.10
N TYR B 194 2.31 29.13 23.51
CA TYR B 194 2.56 28.89 22.08
C TYR B 194 1.27 28.58 21.41
N ALA B 195 0.91 29.35 20.40
CA ALA B 195 -0.39 29.15 19.76
C ALA B 195 -0.37 29.27 18.26
N CYS B 196 -1.21 28.47 17.60
CA CYS B 196 -1.42 28.64 16.18
CA CYS B 196 -1.44 28.43 16.16
C CYS B 196 -2.89 28.90 15.95
N GLU B 197 -3.15 30.01 15.24
CA GLU B 197 -4.52 30.51 14.98
C GLU B 197 -4.84 30.25 13.51
N VAL B 198 -5.95 29.57 13.27
CA VAL B 198 -6.33 29.14 11.92
C VAL B 198 -7.63 29.81 11.47
N THR B 199 -7.62 30.35 10.23
CA THR B 199 -8.74 30.97 9.55
C THR B 199 -9.02 30.13 8.28
N HIS B 200 -10.27 29.76 8.08
CA HIS B 200 -10.68 28.95 6.92
C HIS B 200 -12.16 29.15 6.72
N GLN B 201 -12.62 29.05 5.45
CA GLN B 201 -14.03 29.22 5.09
C GLN B 201 -14.98 28.32 5.91
N GLY B 202 -14.52 27.13 6.29
CA GLY B 202 -15.33 26.16 7.03
C GLY B 202 -15.51 26.46 8.49
N LEU B 203 -14.76 27.46 9.00
CA LEU B 203 -14.80 27.91 10.40
C LEU B 203 -15.53 29.26 10.49
N SER B 204 -16.56 29.34 11.35
CA SER B 204 -17.31 30.57 11.54
C SER B 204 -16.48 31.66 12.21
N SER B 205 -15.47 31.25 13.01
CA SER B 205 -14.53 32.13 13.72
C SER B 205 -13.16 31.44 13.71
N PRO B 206 -12.02 32.15 13.77
CA PRO B 206 -10.72 31.46 13.79
C PRO B 206 -10.58 30.50 14.97
N VAL B 207 -9.87 29.39 14.76
CA VAL B 207 -9.64 28.38 15.78
C VAL B 207 -8.21 28.52 16.28
N THR B 208 -8.02 28.59 17.62
CA THR B 208 -6.66 28.64 18.16
C THR B 208 -6.37 27.37 18.95
N LYS B 209 -5.22 26.72 18.68
CA LYS B 209 -4.76 25.58 19.47
C LYS B 209 -3.46 26.03 20.11
N SER B 210 -3.30 25.74 21.39
CA SER B 210 -2.12 26.20 22.08
C SER B 210 -1.65 25.22 23.13
N PHE B 211 -0.44 25.46 23.63
CA PHE B 211 0.11 24.76 24.78
C PHE B 211 0.96 25.76 25.57
N ASN B 212 1.17 25.46 26.85
CA ASN B 212 2.04 26.24 27.70
C ASN B 212 3.34 25.45 27.88
N ARG B 213 4.49 26.07 27.60
CA ARG B 213 5.78 25.40 27.76
C ARG B 213 5.92 24.95 29.24
N GLY B 214 6.20 23.67 29.45
CA GLY B 214 6.37 23.09 30.78
C GLY B 214 5.07 22.72 31.48
N GLU C 1 -12.80 11.05 9.49
CA GLU C 1 -12.98 9.67 9.02
C GLU C 1 -13.24 8.73 10.20
N VAL C 2 -14.07 7.70 10.00
CA VAL C 2 -14.36 6.71 11.06
C VAL C 2 -13.14 5.82 11.24
N GLN C 3 -12.71 5.61 12.50
CA GLN C 3 -11.59 4.73 12.80
C GLN C 3 -11.92 3.85 13.97
N LEU C 4 -11.51 2.59 13.87
CA LEU C 4 -11.67 1.64 14.97
C LEU C 4 -10.32 0.94 15.04
N VAL C 5 -9.60 1.13 16.14
CA VAL C 5 -8.27 0.56 16.30
C VAL C 5 -8.30 -0.41 17.48
N GLN C 6 -8.07 -1.69 17.19
CA GLN C 6 -8.09 -2.76 18.18
C GLN C 6 -6.73 -2.97 18.84
N SER C 7 -6.74 -3.35 20.12
CA SER C 7 -5.54 -3.67 20.89
C SER C 7 -5.79 -4.99 21.65
N GLY C 8 -4.73 -5.70 21.96
CA GLY C 8 -4.83 -6.95 22.68
C GLY C 8 -4.80 -8.11 21.72
N GLY C 9 -4.66 -9.31 22.24
CA GLY C 9 -4.57 -10.48 21.38
C GLY C 9 -3.30 -11.26 21.68
N GLY C 10 -3.04 -12.28 20.88
CA GLY C 10 -1.86 -13.13 21.05
C GLY C 10 -2.19 -14.43 21.74
N LEU C 11 -1.20 -15.00 22.39
CA LEU C 11 -1.32 -16.31 23.01
C LEU C 11 -1.88 -16.25 24.41
N VAL C 12 -2.71 -17.24 24.74
CA VAL C 12 -3.28 -17.39 26.08
C VAL C 12 -3.46 -18.91 26.32
N GLN C 13 -3.24 -19.37 27.55
CA GLN C 13 -3.37 -20.81 27.83
C GLN C 13 -4.85 -21.22 27.95
N PRO C 14 -5.22 -22.50 27.71
CA PRO C 14 -6.61 -22.92 27.97
C PRO C 14 -6.98 -22.63 29.43
N GLY C 15 -8.17 -22.08 29.64
CA GLY C 15 -8.67 -21.70 30.96
C GLY C 15 -8.28 -20.30 31.36
N GLY C 16 -7.37 -19.69 30.57
CA GLY C 16 -6.87 -18.35 30.81
C GLY C 16 -7.85 -17.25 30.44
N SER C 17 -7.38 -16.01 30.63
CA SER C 17 -8.11 -14.77 30.42
C SER C 17 -7.33 -13.82 29.52
N LEU C 18 -8.05 -13.07 28.68
CA LEU C 18 -7.43 -12.11 27.77
C LEU C 18 -8.45 -10.98 27.55
N ARG C 19 -8.00 -9.73 27.53
CA ARG C 19 -8.89 -8.61 27.29
C ARG C 19 -8.52 -7.92 25.98
N LEU C 20 -9.51 -7.72 25.11
CA LEU C 20 -9.33 -6.95 23.88
C LEU C 20 -9.93 -5.58 24.12
N SER C 21 -9.43 -4.58 23.37
CA SER C 21 -10.04 -3.26 23.43
C SER C 21 -10.13 -2.70 22.03
N CYS C 22 -11.02 -1.74 21.87
CA CYS C 22 -11.28 -1.14 20.57
CA CYS C 22 -11.13 -1.06 20.58
C CYS C 22 -11.41 0.39 20.78
N ALA C 23 -10.50 1.19 20.24
CA ALA C 23 -10.53 2.65 20.37
C ALA C 23 -11.21 3.23 19.12
N ALA C 24 -12.18 4.09 19.34
CA ALA C 24 -12.97 4.65 18.24
C ALA C 24 -12.77 6.15 18.09
N SER C 25 -12.88 6.64 16.85
CA SER C 25 -12.87 8.08 16.58
C SER C 25 -13.59 8.40 15.27
N GLY C 26 -13.93 9.67 15.07
CA GLY C 26 -14.55 10.16 13.84
C GLY C 26 -16.06 10.02 13.77
N PHE C 27 -16.72 9.73 14.89
CA PHE C 27 -18.18 9.65 14.98
C PHE C 27 -18.60 9.80 16.45
N THR C 28 -19.90 10.00 16.71
CA THR C 28 -20.44 10.11 18.08
C THR C 28 -20.54 8.68 18.59
N PHE C 29 -19.53 8.24 19.33
CA PHE C 29 -19.42 6.86 19.80
C PHE C 29 -20.68 6.34 20.51
N SER C 30 -21.24 7.12 21.47
CA SER C 30 -22.42 6.75 22.25
C SER C 30 -23.71 6.55 21.43
N SER C 31 -23.74 7.04 20.19
CA SER C 31 -24.92 6.90 19.31
C SER C 31 -25.01 5.52 18.64
N TYR C 32 -23.94 4.69 18.76
CA TYR C 32 -23.91 3.41 18.07
C TYR C 32 -23.73 2.23 18.96
N ALA C 33 -24.48 1.17 18.68
CA ALA C 33 -24.25 -0.14 19.29
C ALA C 33 -22.95 -0.62 18.68
N MET C 34 -22.21 -1.43 19.42
CA MET C 34 -20.90 -1.92 18.93
C MET C 34 -20.87 -3.41 19.08
N SER C 35 -20.03 -4.11 18.30
CA SER C 35 -20.01 -5.56 18.40
CA SER C 35 -20.00 -5.57 18.38
C SER C 35 -18.63 -6.13 18.17
N TRP C 36 -18.45 -7.40 18.62
CA TRP C 36 -17.27 -8.19 18.36
CA TRP C 36 -17.25 -8.16 18.30
C TRP C 36 -17.70 -9.31 17.43
N VAL C 37 -16.92 -9.59 16.40
CA VAL C 37 -17.18 -10.67 15.45
C VAL C 37 -15.87 -11.46 15.38
N ARG C 38 -15.93 -12.80 15.20
CA ARG C 38 -14.65 -13.53 15.10
C ARG C 38 -14.65 -14.49 13.93
N GLN C 39 -13.47 -15.00 13.61
CA GLN C 39 -13.33 -15.93 12.50
C GLN C 39 -12.23 -16.89 12.83
N ALA C 40 -12.59 -18.17 13.04
CA ALA C 40 -11.58 -19.20 13.31
C ALA C 40 -10.71 -19.36 12.04
N PRO C 41 -9.42 -19.73 12.19
CA PRO C 41 -8.54 -19.84 11.00
C PRO C 41 -9.15 -20.71 9.88
N GLY C 42 -9.26 -20.12 8.70
CA GLY C 42 -9.85 -20.74 7.51
C GLY C 42 -11.35 -20.95 7.54
N LYS C 43 -12.05 -20.38 8.55
CA LYS C 43 -13.50 -20.56 8.72
C LYS C 43 -14.28 -19.26 8.48
N GLY C 44 -15.59 -19.29 8.70
CA GLY C 44 -16.46 -18.15 8.45
C GLY C 44 -16.58 -17.18 9.60
N LEU C 45 -17.25 -16.04 9.34
CA LEU C 45 -17.52 -15.01 10.34
C LEU C 45 -18.59 -15.49 11.32
N GLU C 46 -18.38 -15.16 12.60
CA GLU C 46 -19.31 -15.52 13.67
C GLU C 46 -19.47 -14.33 14.60
N TRP C 47 -20.72 -13.88 14.80
CA TRP C 47 -21.00 -12.81 15.74
C TRP C 47 -20.74 -13.34 17.17
N VAL C 48 -20.04 -12.53 17.99
CA VAL C 48 -19.66 -12.91 19.36
C VAL C 48 -20.49 -12.18 20.42
N SER C 49 -20.52 -10.85 20.35
CA SER C 49 -21.15 -10.07 21.41
C SER C 49 -21.52 -8.67 20.92
N ALA C 50 -22.50 -8.04 21.57
CA ALA C 50 -22.87 -6.65 21.26
C ALA C 50 -23.20 -5.88 22.53
N ILE C 51 -23.08 -4.56 22.43
CA ILE C 51 -23.41 -3.67 23.51
C ILE C 51 -24.13 -2.45 22.94
N SER C 52 -25.25 -2.05 23.55
CA SER C 52 -25.98 -0.88 23.07
C SER C 52 -25.15 0.39 23.24
N GLY C 53 -25.54 1.46 22.53
CA GLY C 53 -24.85 2.73 22.59
C GLY C 53 -24.59 3.24 24.01
N SER C 54 -25.62 3.20 24.84
CA SER C 54 -25.55 3.68 26.23
C SER C 54 -24.75 2.75 27.14
N GLY C 55 -24.54 1.51 26.69
CA GLY C 55 -23.94 0.47 27.53
C GLY C 55 -24.96 -0.25 28.39
N GLY C 56 -26.24 0.15 28.30
CA GLY C 56 -27.32 -0.40 29.11
C GLY C 56 -27.70 -1.85 28.89
N SER C 57 -27.43 -2.38 27.67
CA SER C 57 -27.77 -3.75 27.32
C SER C 57 -26.60 -4.45 26.61
N THR C 58 -26.29 -5.68 27.01
CA THR C 58 -25.24 -6.52 26.41
C THR C 58 -25.85 -7.85 25.95
N TYR C 59 -25.24 -8.44 24.91
CA TYR C 59 -25.76 -9.64 24.23
C TYR C 59 -24.59 -10.50 23.84
N TYR C 60 -24.78 -11.82 23.94
CA TYR C 60 -23.69 -12.77 23.66
C TYR C 60 -24.21 -13.95 22.89
N ALA C 61 -23.35 -14.51 22.01
CA ALA C 61 -23.65 -15.74 21.28
C ALA C 61 -23.65 -16.86 22.33
N ASP C 62 -24.45 -17.91 22.13
CA ASP C 62 -24.48 -19.05 23.06
C ASP C 62 -23.08 -19.64 23.36
N SER C 63 -22.20 -19.66 22.35
CA SER C 63 -20.84 -20.21 22.44
C SER C 63 -19.95 -19.52 23.49
N VAL C 64 -20.23 -18.24 23.79
CA VAL C 64 -19.40 -17.44 24.71
C VAL C 64 -20.16 -16.93 25.96
N LYS C 65 -21.49 -17.05 25.99
CA LYS C 65 -22.32 -16.52 27.08
C LYS C 65 -21.87 -17.10 28.42
N GLY C 66 -21.67 -16.21 29.40
CA GLY C 66 -21.22 -16.61 30.74
C GLY C 66 -19.71 -16.59 30.92
N ARG C 67 -18.93 -16.52 29.80
CA ARG C 67 -17.47 -16.49 29.89
C ARG C 67 -16.92 -15.14 29.47
N PHE C 68 -17.62 -14.42 28.58
CA PHE C 68 -17.13 -13.13 28.11
C PHE C 68 -17.90 -11.97 28.71
N THR C 69 -17.24 -10.81 28.79
CA THR C 69 -17.93 -9.60 29.26
C THR C 69 -17.59 -8.46 28.31
N ILE C 70 -18.62 -7.82 27.75
CA ILE C 70 -18.43 -6.64 26.90
C ILE C 70 -18.83 -5.43 27.72
N SER C 71 -18.06 -4.33 27.58
CA SER C 71 -18.33 -3.09 28.32
C SER C 71 -17.77 -1.95 27.46
N ARG C 72 -18.18 -0.72 27.76
CA ARG C 72 -17.70 0.42 26.99
C ARG C 72 -17.60 1.63 27.88
N ASP C 73 -16.67 2.53 27.52
CA ASP C 73 -16.47 3.79 28.22
C ASP C 73 -16.76 4.88 27.22
N ASN C 74 -17.94 5.50 27.32
CA ASN C 74 -18.36 6.54 26.39
C ASN C 74 -17.62 7.86 26.52
N SER C 75 -16.93 8.08 27.63
CA SER C 75 -16.14 9.30 27.78
C SER C 75 -14.81 9.15 27.01
N LYS C 76 -14.19 7.95 27.05
CA LYS C 76 -12.91 7.67 26.36
C LYS C 76 -13.06 7.04 24.96
N ASN C 77 -14.31 6.73 24.54
CA ASN C 77 -14.62 6.13 23.24
C ASN C 77 -13.85 4.81 23.06
N ILE C 78 -13.98 3.89 24.04
CA ILE C 78 -13.34 2.59 24.03
C ILE C 78 -14.39 1.53 24.35
N LEU C 79 -14.28 0.37 23.67
CA LEU C 79 -15.13 -0.83 23.82
C LEU C 79 -14.13 -1.89 24.33
N TYR C 80 -14.57 -2.77 25.25
CA TYR C 80 -13.71 -3.82 25.80
C TYR C 80 -14.39 -5.15 25.67
N LEU C 81 -13.59 -6.21 25.52
CA LEU C 81 -14.13 -7.58 25.55
C LEU C 81 -13.22 -8.36 26.49
N GLN C 82 -13.70 -8.68 27.69
CA GLN C 82 -12.95 -9.47 28.65
C GLN C 82 -13.31 -10.92 28.35
N MET C 83 -12.32 -11.72 27.97
CA MET C 83 -12.58 -13.14 27.70
C MET C 83 -11.96 -14.00 28.78
N ASN C 84 -12.81 -14.81 29.46
CA ASN C 84 -12.35 -15.70 30.52
C ASN C 84 -12.62 -17.14 30.14
N SER C 85 -12.00 -18.11 30.89
CA SER C 85 -12.19 -19.55 30.71
C SER C 85 -12.05 -19.90 29.23
N LEU C 86 -10.99 -19.38 28.62
CA LEU C 86 -10.73 -19.57 27.20
C LEU C 86 -10.51 -21.03 26.82
N LYS C 87 -11.03 -21.40 25.67
CA LYS C 87 -10.96 -22.77 25.12
C LYS C 87 -10.26 -22.74 23.77
N ALA C 88 -9.70 -23.88 23.34
CA ALA C 88 -9.08 -24.00 22.01
C ALA C 88 -10.04 -23.51 20.90
N GLU C 89 -11.37 -23.77 21.05
CA GLU C 89 -12.44 -23.34 20.13
C GLU C 89 -12.59 -21.80 20.01
N ASP C 90 -11.96 -21.04 20.93
CA ASP C 90 -12.02 -19.57 20.88
C ASP C 90 -10.88 -19.00 20.05
N THR C 91 -9.95 -19.88 19.57
CA THR C 91 -8.84 -19.42 18.73
C THR C 91 -9.43 -18.84 17.46
N ALA C 92 -9.16 -17.56 17.19
CA ALA C 92 -9.76 -16.87 16.06
C ALA C 92 -9.18 -15.49 15.88
N THR C 93 -9.47 -14.89 14.71
CA THR C 93 -9.17 -13.47 14.48
C THR C 93 -10.44 -12.75 14.95
N TYR C 94 -10.27 -11.77 15.85
CA TYR C 94 -11.40 -11.02 16.43
C TYR C 94 -11.43 -9.65 15.82
N TYR C 95 -12.63 -9.14 15.51
CA TYR C 95 -12.77 -7.81 14.96
C TYR C 95 -13.79 -7.04 15.77
N CYS C 96 -13.55 -5.75 15.96
CA CYS C 96 -14.63 -4.95 16.57
CA CYS C 96 -14.48 -4.80 16.58
C CYS C 96 -15.29 -4.20 15.41
N ALA C 97 -16.59 -3.99 15.54
CA ALA C 97 -17.37 -3.40 14.46
C ALA C 97 -18.44 -2.47 14.96
N ARG C 98 -18.68 -1.39 14.22
CA ARG C 98 -19.75 -0.45 14.49
C ARG C 98 -21.03 -1.03 13.89
N ALA C 99 -22.11 -1.07 14.67
CA ALA C 99 -23.36 -1.65 14.20
C ALA C 99 -24.39 -0.58 13.95
N VAL C 100 -25.17 -0.76 12.89
CA VAL C 100 -26.31 0.10 12.57
C VAL C 100 -27.53 -0.81 12.79
N VAL C 101 -28.47 -0.37 13.63
CA VAL C 101 -29.64 -1.17 13.98
C VAL C 101 -30.87 -0.32 13.74
N PHE C 102 -31.85 -0.87 12.99
CA PHE C 102 -33.18 -0.28 12.70
C PHE C 102 -34.30 -1.30 12.94
N TYR C 109 -34.47 -3.96 15.47
CA TYR C 109 -33.90 -5.30 15.46
C TYR C 109 -34.03 -6.01 14.11
N TYR C 110 -34.93 -5.51 13.23
CA TYR C 110 -35.16 -6.10 11.90
C TYR C 110 -33.92 -5.97 11.01
N SER C 111 -33.29 -4.76 10.95
CA SER C 111 -32.07 -4.56 10.15
CA SER C 111 -32.07 -4.56 10.15
C SER C 111 -30.87 -4.30 11.05
N LYS C 112 -29.89 -5.23 11.06
CA LYS C 112 -28.66 -5.09 11.83
C LYS C 112 -27.53 -5.36 10.87
N TYR C 113 -26.57 -4.43 10.79
CA TYR C 113 -25.40 -4.59 9.94
C TYR C 113 -24.21 -3.84 10.49
N PHE C 114 -23.01 -4.24 10.06
CA PHE C 114 -21.75 -3.67 10.56
C PHE C 114 -21.10 -2.83 9.47
N ASP C 115 -21.11 -1.50 9.59
CA ASP C 115 -20.61 -0.64 8.51
C ASP C 115 -19.13 -0.30 8.53
N TYR C 116 -18.52 -0.37 9.71
CA TYR C 116 -17.06 -0.14 9.86
C TYR C 116 -16.50 -1.21 10.75
N TRP C 117 -15.32 -1.73 10.39
CA TRP C 117 -14.69 -2.80 11.14
C TRP C 117 -13.25 -2.42 11.47
N SER C 118 -12.78 -2.93 12.62
CA SER C 118 -11.35 -2.72 12.95
C SER C 118 -10.46 -3.71 12.15
N GLN C 119 -9.13 -3.60 12.30
CA GLN C 119 -8.23 -4.58 11.68
C GLN C 119 -8.37 -5.79 12.59
N GLY C 120 -8.14 -7.00 12.15
CA GLY C 120 -8.35 -8.08 13.11
C GLY C 120 -7.15 -8.30 14.02
N THR C 121 -7.37 -9.02 15.13
CA THR C 121 -6.27 -9.43 16.01
C THR C 121 -6.42 -10.93 16.24
N LEU C 122 -5.33 -11.67 16.12
CA LEU C 122 -5.43 -13.13 16.31
C LEU C 122 -5.19 -13.54 17.74
N VAL C 123 -6.15 -14.27 18.30
CA VAL C 123 -6.10 -14.86 19.64
C VAL C 123 -5.86 -16.35 19.49
N THR C 124 -4.76 -16.86 20.03
CA THR C 124 -4.44 -18.29 19.94
C THR C 124 -4.52 -18.87 21.34
N VAL C 125 -5.38 -19.87 21.54
CA VAL C 125 -5.56 -20.50 22.86
C VAL C 125 -4.76 -21.82 22.83
N SER C 126 -3.58 -21.82 23.47
CA SER C 126 -2.65 -22.94 23.41
C SER C 126 -1.75 -22.95 24.62
N SER C 127 -1.30 -24.14 25.02
CA SER C 127 -0.39 -24.27 26.16
C SER C 127 1.09 -24.30 25.68
N ALA C 128 1.32 -24.19 24.35
CA ALA C 128 2.67 -24.23 23.77
C ALA C 128 3.47 -22.93 24.05
N SER C 129 4.79 -22.98 23.91
CA SER C 129 5.66 -21.84 24.20
C SER C 129 5.74 -20.84 23.05
N THR C 130 5.79 -19.53 23.39
CA THR C 130 6.05 -18.48 22.41
C THR C 130 7.51 -18.62 21.93
N LYS C 131 7.75 -18.49 20.61
CA LYS C 131 9.08 -18.56 20.03
C LYS C 131 9.17 -17.50 18.94
N GLY C 132 10.25 -16.75 18.90
CA GLY C 132 10.46 -15.74 17.88
C GLY C 132 11.04 -16.36 16.61
N PRO C 133 10.80 -15.74 15.45
CA PRO C 133 11.29 -16.35 14.20
C PRO C 133 12.74 -16.03 13.88
N SER C 134 13.41 -16.98 13.21
CA SER C 134 14.70 -16.79 12.57
C SER C 134 14.30 -16.44 11.11
N VAL C 135 15.05 -15.56 10.45
CA VAL C 135 14.74 -15.14 9.07
C VAL C 135 15.92 -15.45 8.20
N PHE C 136 15.73 -16.35 7.23
CA PHE C 136 16.82 -16.77 6.34
C PHE C 136 16.62 -16.23 4.94
N PRO C 137 17.68 -15.81 4.25
CA PRO C 137 17.49 -15.32 2.88
C PRO C 137 17.15 -16.45 1.92
N LEU C 138 16.38 -16.09 0.90
CA LEU C 138 16.10 -16.97 -0.24
C LEU C 138 16.74 -16.27 -1.44
N ALA C 139 17.80 -16.86 -1.97
CA ALA C 139 18.44 -16.20 -3.12
C ALA C 139 18.88 -17.26 -4.15
N PRO C 140 18.95 -16.93 -5.45
CA PRO C 140 19.39 -17.95 -6.43
C PRO C 140 20.80 -18.45 -6.15
N GLY C 148 16.95 -11.50 -17.53
CA GLY C 148 15.61 -11.98 -17.24
C GLY C 148 15.11 -11.66 -15.83
N THR C 149 14.17 -12.45 -15.35
CA THR C 149 13.56 -12.27 -14.05
C THR C 149 14.23 -13.15 -13.02
N ALA C 150 14.49 -12.59 -11.84
CA ALA C 150 15.02 -13.34 -10.71
C ALA C 150 14.01 -13.30 -9.57
N ALA C 151 14.03 -14.33 -8.73
CA ALA C 151 13.22 -14.30 -7.52
C ALA C 151 14.15 -14.24 -6.33
N LEU C 152 13.71 -13.52 -5.29
CA LEU C 152 14.41 -13.41 -4.02
C LEU C 152 13.36 -13.56 -2.94
N GLY C 153 13.79 -13.73 -1.70
CA GLY C 153 12.80 -13.78 -0.64
C GLY C 153 13.40 -14.00 0.72
N CYS C 154 12.53 -14.26 1.67
CA CYS C 154 12.88 -14.55 3.06
CA CYS C 154 12.96 -14.61 3.01
C CYS C 154 12.10 -15.74 3.57
N LEU C 155 12.74 -16.61 4.30
CA LEU C 155 12.10 -17.76 4.91
C LEU C 155 12.03 -17.45 6.41
N VAL C 156 10.82 -17.25 6.91
CA VAL C 156 10.53 -16.84 8.29
C VAL C 156 10.21 -18.10 9.04
N LYS C 157 11.17 -18.58 9.81
CA LYS C 157 11.10 -19.92 10.35
C LYS C 157 10.98 -20.04 11.87
N ASP C 158 10.27 -21.11 12.31
CA ASP C 158 10.25 -21.56 13.71
C ASP C 158 9.71 -20.57 14.73
N TYR C 159 8.54 -20.02 14.46
CA TYR C 159 7.91 -19.11 15.39
C TYR C 159 6.60 -19.68 15.89
N PHE C 160 6.11 -19.16 17.01
CA PHE C 160 4.83 -19.58 17.55
C PHE C 160 4.37 -18.49 18.53
N PRO C 161 3.08 -18.16 18.58
CA PRO C 161 2.00 -18.60 17.69
C PRO C 161 2.02 -17.77 16.40
N GLU C 162 1.03 -17.98 15.52
CA GLU C 162 0.84 -17.03 14.44
C GLU C 162 0.35 -15.69 15.08
N PRO C 163 0.44 -14.54 14.39
CA PRO C 163 0.92 -14.36 13.01
C PRO C 163 2.23 -13.59 12.98
N VAL C 164 2.80 -13.48 11.76
CA VAL C 164 3.92 -12.58 11.51
C VAL C 164 3.42 -11.61 10.41
N THR C 165 3.98 -10.40 10.38
CA THR C 165 3.70 -9.49 9.26
C THR C 165 5.03 -9.35 8.55
N VAL C 166 5.01 -9.31 7.21
CA VAL C 166 6.22 -9.16 6.41
C VAL C 166 5.99 -8.01 5.43
N SER C 167 6.98 -7.12 5.35
CA SER C 167 6.96 -6.06 4.36
C SER C 167 8.34 -6.10 3.67
N TRP C 168 8.45 -5.44 2.52
CA TRP C 168 9.70 -5.35 1.78
C TRP C 168 10.09 -3.91 1.68
N ASN C 169 11.36 -3.59 2.02
CA ASN C 169 11.88 -2.22 1.95
C ASN C 169 10.96 -1.25 2.68
N SER C 170 10.55 -1.63 3.91
CA SER C 170 9.67 -0.83 4.79
C SER C 170 8.35 -0.43 4.12
N GLY C 171 7.88 -1.27 3.20
CA GLY C 171 6.61 -1.02 2.50
C GLY C 171 6.74 -0.35 1.15
N ALA C 172 7.98 0.10 0.77
CA ALA C 172 8.21 0.74 -0.53
C ALA C 172 8.13 -0.25 -1.69
N LEU C 173 8.31 -1.56 -1.40
CA LEU C 173 8.25 -2.57 -2.44
C LEU C 173 7.02 -3.45 -2.25
N THR C 174 6.04 -3.34 -3.18
CA THR C 174 4.80 -4.13 -3.10
C THR C 174 4.51 -4.92 -4.36
N SER C 175 4.90 -4.39 -5.52
CA SER C 175 4.68 -5.05 -6.81
C SER C 175 5.50 -6.34 -6.89
N GLY C 176 4.84 -7.42 -7.30
CA GLY C 176 5.49 -8.72 -7.48
C GLY C 176 5.80 -9.49 -6.20
N VAL C 177 5.29 -9.01 -5.06
CA VAL C 177 5.51 -9.67 -3.76
C VAL C 177 4.43 -10.73 -3.55
N HIS C 178 4.83 -11.91 -3.05
CA HIS C 178 3.90 -12.94 -2.64
C HIS C 178 4.31 -13.41 -1.25
N THR C 179 3.45 -13.15 -0.25
CA THR C 179 3.70 -13.62 1.12
C THR C 179 2.75 -14.77 1.33
N PHE C 180 3.31 -15.97 1.48
CA PHE C 180 2.53 -17.17 1.52
C PHE C 180 1.85 -17.44 2.85
N PRO C 181 0.78 -18.28 2.85
CA PRO C 181 0.25 -18.75 4.14
C PRO C 181 1.33 -19.56 4.86
N ALA C 182 1.39 -19.45 6.19
CA ALA C 182 2.38 -20.24 6.93
C ALA C 182 1.97 -21.70 6.90
N VAL C 183 2.97 -22.58 7.06
CA VAL C 183 2.71 -23.98 7.29
C VAL C 183 3.08 -24.27 8.75
N LEU C 184 2.35 -25.18 9.35
CA LEU C 184 2.64 -25.63 10.70
C LEU C 184 3.55 -26.86 10.52
N GLN C 185 4.76 -26.79 11.06
CA GLN C 185 5.76 -27.84 10.86
C GLN C 185 5.61 -29.00 11.82
N SER C 186 6.37 -30.10 11.56
CA SER C 186 6.36 -31.26 12.44
C SER C 186 6.76 -30.90 13.88
N SER C 187 7.55 -29.84 14.06
CA SER C 187 8.02 -29.35 15.39
C SER C 187 6.92 -28.62 16.19
N GLY C 188 5.79 -28.31 15.54
CA GLY C 188 4.72 -27.55 16.17
C GLY C 188 4.94 -26.06 16.06
N LEU C 189 6.01 -25.67 15.29
CA LEU C 189 6.31 -24.25 15.01
C LEU C 189 5.95 -23.90 13.57
N TYR C 190 5.66 -22.62 13.32
CA TYR C 190 5.27 -22.18 11.96
C TYR C 190 6.45 -21.77 11.10
N SER C 191 6.27 -21.82 9.77
CA SER C 191 7.29 -21.35 8.86
C SER C 191 6.57 -20.76 7.68
N LEU C 192 7.07 -19.60 7.25
CA LEU C 192 6.46 -18.94 6.10
C LEU C 192 7.46 -18.34 5.17
N SER C 193 7.12 -18.26 3.87
CA SER C 193 8.06 -17.63 2.93
C SER C 193 7.40 -16.39 2.34
N SER C 194 8.22 -15.41 1.97
CA SER C 194 7.76 -14.20 1.29
C SER C 194 8.75 -13.99 0.17
N VAL C 195 8.26 -13.83 -1.06
CA VAL C 195 9.13 -13.72 -2.22
C VAL C 195 8.79 -12.49 -3.03
N VAL C 196 9.71 -12.09 -3.88
CA VAL C 196 9.48 -10.97 -4.80
C VAL C 196 10.25 -11.29 -6.09
N THR C 197 9.68 -10.95 -7.24
CA THR C 197 10.39 -11.13 -8.50
C THR C 197 10.86 -9.75 -8.96
N VAL C 198 12.11 -9.69 -9.41
CA VAL C 198 12.78 -8.45 -9.81
C VAL C 198 13.64 -8.75 -11.05
N PRO C 199 14.08 -7.71 -11.78
CA PRO C 199 15.01 -7.97 -12.90
C PRO C 199 16.33 -8.53 -12.34
N SER C 200 16.86 -9.61 -12.96
CA SER C 200 18.13 -10.22 -12.50
C SER C 200 19.25 -9.18 -12.43
N SER C 201 19.26 -8.24 -13.39
CA SER C 201 20.30 -7.21 -13.46
CA SER C 201 20.30 -7.22 -13.45
C SER C 201 20.18 -6.11 -12.39
N SER C 202 19.10 -6.12 -11.57
CA SER C 202 18.99 -5.13 -10.49
C SER C 202 19.68 -5.69 -9.22
N LEU C 203 20.00 -7.01 -9.21
CA LEU C 203 20.61 -7.68 -8.03
C LEU C 203 21.92 -7.05 -7.50
N GLY C 204 22.73 -6.50 -8.40
CA GLY C 204 23.97 -5.85 -7.98
C GLY C 204 23.84 -4.45 -7.42
N THR C 205 22.73 -3.73 -7.73
CA THR C 205 22.61 -2.32 -7.36
C THR C 205 21.46 -1.96 -6.45
N GLN C 206 20.46 -2.83 -6.34
CA GLN C 206 19.30 -2.54 -5.50
C GLN C 206 19.37 -3.37 -4.24
N THR C 207 18.91 -2.80 -3.12
CA THR C 207 18.90 -3.55 -1.86
C THR C 207 17.48 -4.03 -1.64
N TYR C 208 17.34 -5.32 -1.29
CA TYR C 208 16.05 -5.93 -1.02
C TYR C 208 16.06 -6.47 0.40
N ILE C 209 15.29 -5.83 1.28
CA ILE C 209 15.25 -6.21 2.70
C ILE C 209 13.83 -6.58 3.10
N CYS C 210 13.67 -7.73 3.76
CA CYS C 210 12.35 -8.11 4.28
CA CYS C 210 12.33 -8.03 4.25
C CYS C 210 12.27 -7.68 5.73
N ASN C 211 11.16 -7.05 6.14
CA ASN C 211 10.96 -6.58 7.52
C ASN C 211 9.90 -7.48 8.13
N VAL C 212 10.28 -8.19 9.17
CA VAL C 212 9.42 -9.19 9.82
C VAL C 212 9.06 -8.72 11.20
N ASN C 213 7.77 -8.80 11.55
CA ASN C 213 7.34 -8.47 12.91
C ASN C 213 6.53 -9.64 13.45
N HIS C 214 6.98 -10.20 14.57
CA HIS C 214 6.22 -11.27 15.25
C HIS C 214 5.73 -10.65 16.57
N LYS C 215 4.59 -9.93 16.52
CA LYS C 215 4.07 -9.25 17.71
C LYS C 215 3.91 -10.15 18.95
N PRO C 216 3.47 -11.43 18.86
CA PRO C 216 3.35 -12.26 20.07
C PRO C 216 4.62 -12.39 20.91
N SER C 217 5.83 -12.36 20.26
CA SER C 217 7.08 -12.44 21.01
C SER C 217 7.78 -11.09 21.08
N ASN C 218 7.17 -10.01 20.55
CA ASN C 218 7.77 -8.68 20.49
C ASN C 218 9.10 -8.72 19.71
N THR C 219 9.23 -9.63 18.73
CA THR C 219 10.48 -9.81 17.98
C THR C 219 10.33 -9.14 16.60
N LYS C 220 11.29 -8.27 16.24
CA LYS C 220 11.38 -7.62 14.93
C LYS C 220 12.71 -8.01 14.29
N VAL C 221 12.67 -8.44 13.04
CA VAL C 221 13.87 -8.86 12.30
C VAL C 221 13.85 -8.24 10.91
N ASP C 222 14.99 -7.66 10.47
CA ASP C 222 15.15 -7.23 9.09
C ASP C 222 16.22 -8.13 8.47
N LYS C 223 16.01 -8.58 7.23
CA LYS C 223 17.01 -9.45 6.60
C LYS C 223 17.21 -9.03 5.16
N LYS C 224 18.48 -8.86 4.77
CA LYS C 224 18.77 -8.55 3.36
C LYS C 224 18.74 -9.88 2.54
N ALA C 225 18.04 -9.90 1.39
CA ALA C 225 18.02 -11.08 0.53
C ALA C 225 18.97 -10.76 -0.63
N GLU C 226 20.13 -11.40 -0.63
CA GLU C 226 21.13 -11.13 -1.68
C GLU C 226 21.79 -12.40 -2.23
N PRO C 227 22.23 -12.43 -3.50
CA PRO C 227 22.91 -13.64 -4.02
C PRO C 227 24.26 -13.84 -3.33
N LYS C 228 24.66 -15.10 -3.14
CA LYS C 228 25.92 -15.49 -2.48
C LYS C 228 27.10 -15.24 -3.42
N GLU D 1 5.37 -10.22 -15.95
CA GLU D 1 5.07 -8.78 -15.91
C GLU D 1 6.27 -7.94 -16.35
N VAL D 2 6.00 -6.80 -17.03
CA VAL D 2 7.09 -5.89 -17.44
C VAL D 2 7.60 -5.15 -16.22
N GLN D 3 8.92 -5.09 -16.04
CA GLN D 3 9.51 -4.36 -14.94
C GLN D 3 10.66 -3.53 -15.44
N LEU D 4 10.81 -2.32 -14.90
CA LEU D 4 11.92 -1.44 -15.19
C LEU D 4 12.35 -0.89 -13.85
N VAL D 5 13.53 -1.33 -13.35
CA VAL D 5 14.03 -0.91 -12.04
C VAL D 5 15.27 -0.05 -12.22
N GLN D 6 15.15 1.23 -11.81
CA GLN D 6 16.21 2.22 -11.96
C GLN D 6 17.15 2.25 -10.75
N SER D 7 18.42 2.53 -11.01
CA SER D 7 19.47 2.68 -9.99
C SER D 7 20.28 3.94 -10.32
N GLY D 8 20.91 4.50 -9.30
CA GLY D 8 21.76 5.65 -9.48
C GLY D 8 21.00 6.92 -9.16
N GLY D 9 21.71 8.03 -9.14
CA GLY D 9 21.08 9.31 -8.79
C GLY D 9 21.71 9.89 -7.54
N GLY D 10 21.04 10.87 -6.97
CA GLY D 10 21.51 11.54 -5.76
C GLY D 10 22.26 12.81 -6.11
N LEU D 11 23.15 13.22 -5.20
CA LEU D 11 23.88 14.47 -5.31
C LEU D 11 25.10 14.37 -6.24
N VAL D 12 25.35 15.42 -7.02
CA VAL D 12 26.53 15.53 -7.90
C VAL D 12 26.89 17.03 -7.97
N GLN D 13 28.18 17.37 -7.99
CA GLN D 13 28.55 18.79 -8.05
C GLN D 13 28.38 19.35 -9.48
N PRO D 14 28.18 20.70 -9.65
CA PRO D 14 28.15 21.26 -11.00
C PRO D 14 29.46 20.92 -11.72
N GLY D 15 29.31 20.51 -12.97
CA GLY D 15 30.44 20.11 -13.79
C GLY D 15 30.85 18.66 -13.60
N GLY D 16 30.18 17.96 -12.68
CA GLY D 16 30.44 16.56 -12.34
C GLY D 16 29.74 15.58 -13.26
N SER D 17 29.92 14.28 -12.99
CA SER D 17 29.38 13.16 -13.78
C SER D 17 28.63 12.19 -12.89
N LEU D 18 27.61 11.53 -13.45
CA LEU D 18 26.79 10.56 -12.74
C LEU D 18 26.21 9.62 -13.79
N ARG D 19 26.06 8.33 -13.45
CA ARG D 19 25.46 7.36 -14.35
CA ARG D 19 25.49 7.33 -14.34
C ARG D 19 24.21 6.74 -13.73
N LEU D 20 23.13 6.70 -14.52
CA LEU D 20 21.88 6.07 -14.11
C LEU D 20 21.83 4.75 -14.86
N SER D 21 21.15 3.76 -14.28
CA SER D 21 20.94 2.52 -14.99
C SER D 21 19.49 2.10 -14.80
N CYS D 22 19.02 1.28 -15.73
CA CYS D 22 17.64 0.81 -15.75
CA CYS D 22 17.69 0.72 -15.59
C CYS D 22 17.69 -0.70 -16.07
N ALA D 23 17.33 -1.59 -15.11
CA ALA D 23 17.31 -3.03 -15.33
C ALA D 23 15.89 -3.43 -15.78
N ALA D 24 15.80 -4.17 -16.89
CA ALA D 24 14.52 -4.54 -17.47
C ALA D 24 14.29 -6.03 -17.38
N SER D 25 13.01 -6.43 -17.23
CA SER D 25 12.61 -7.84 -17.27
C SER D 25 11.16 -7.98 -17.72
N GLY D 26 10.77 -9.19 -18.09
CA GLY D 26 9.40 -9.50 -18.48
C GLY D 26 9.03 -9.24 -19.93
N PHE D 27 10.03 -8.96 -20.78
CA PHE D 27 9.82 -8.73 -22.21
C PHE D 27 11.15 -8.93 -22.94
N THR D 28 11.12 -9.03 -24.27
CA THR D 28 12.33 -9.16 -25.09
C THR D 28 12.92 -7.76 -25.21
N PHE D 29 13.89 -7.46 -24.37
CA PHE D 29 14.51 -6.14 -24.25
C PHE D 29 14.96 -5.54 -25.59
N SER D 30 15.72 -6.32 -26.40
CA SER D 30 16.27 -5.90 -27.68
C SER D 30 15.23 -5.54 -28.75
N SER D 31 13.96 -5.95 -28.56
CA SER D 31 12.86 -5.65 -29.50
C SER D 31 12.29 -4.23 -29.33
N TYR D 32 12.71 -3.52 -28.27
CA TYR D 32 12.15 -2.21 -27.96
C TYR D 32 13.16 -1.11 -27.91
N ALA D 33 12.77 0.04 -28.51
CA ALA D 33 13.54 1.26 -28.36
C ALA D 33 13.25 1.67 -26.89
N MET D 34 14.17 2.40 -26.31
CA MET D 34 14.04 2.79 -24.89
C MET D 34 14.29 4.27 -24.79
N SER D 35 13.83 4.91 -23.70
CA SER D 35 14.06 6.34 -23.54
CA SER D 35 14.04 6.35 -23.54
C SER D 35 14.24 6.76 -22.11
N TRP D 36 14.81 7.96 -21.91
CA TRP D 36 14.94 8.59 -20.59
C TRP D 36 14.09 9.85 -20.71
N VAL D 37 13.30 10.10 -19.67
CA VAL D 37 12.42 11.28 -19.59
C VAL D 37 12.74 11.92 -18.24
N ARG D 38 12.67 13.24 -18.12
CA ARG D 38 12.94 13.84 -16.78
C ARG D 38 11.92 14.88 -16.42
N GLN D 39 11.91 15.27 -15.15
CA GLN D 39 10.95 16.26 -14.66
C GLN D 39 11.62 17.06 -13.59
N ALA D 40 11.87 18.35 -13.87
CA ALA D 40 12.46 19.22 -12.85
C ALA D 40 11.43 19.39 -11.70
N PRO D 41 11.89 19.61 -10.45
CA PRO D 41 10.93 19.69 -9.32
C PRO D 41 9.82 20.71 -9.55
N GLY D 42 8.58 20.23 -9.46
CA GLY D 42 7.38 21.03 -9.69
C GLY D 42 7.10 21.39 -11.13
N LYS D 43 7.87 20.83 -12.10
CA LYS D 43 7.72 21.15 -13.52
C LYS D 43 7.18 19.97 -14.34
N GLY D 44 7.13 20.12 -15.66
CA GLY D 44 6.56 19.11 -16.54
C GLY D 44 7.53 18.07 -17.03
N LEU D 45 7.01 17.05 -17.72
CA LEU D 45 7.82 15.97 -18.30
C LEU D 45 8.58 16.51 -19.53
N GLU D 46 9.84 16.08 -19.66
CA GLU D 46 10.71 16.49 -20.76
C GLU D 46 11.45 15.24 -21.26
N TRP D 47 11.32 14.95 -22.56
CA TRP D 47 12.04 13.83 -23.15
C TRP D 47 13.55 14.21 -23.21
N VAL D 48 14.42 13.28 -22.80
CA VAL D 48 15.88 13.50 -22.71
C VAL D 48 16.65 12.79 -23.84
N SER D 49 16.37 11.49 -24.02
CA SER D 49 17.19 10.70 -24.93
C SER D 49 16.49 9.41 -25.28
N ALA D 50 16.84 8.84 -26.43
CA ALA D 50 16.29 7.56 -26.88
C ALA D 50 17.35 6.76 -27.57
N ILE D 51 17.14 5.45 -27.63
CA ILE D 51 18.04 4.50 -28.23
C ILE D 51 17.26 3.40 -28.92
N SER D 52 17.72 3.02 -30.11
CA SER D 52 17.06 1.94 -30.86
C SER D 52 17.27 0.60 -30.13
N GLY D 53 16.41 -0.39 -30.41
CA GLY D 53 16.49 -1.74 -29.86
C GLY D 53 17.90 -2.34 -29.94
N SER D 54 18.62 -2.11 -31.10
CA SER D 54 19.98 -2.61 -31.33
C SER D 54 21.07 -1.87 -30.48
N GLY D 55 20.80 -0.62 -30.19
CA GLY D 55 21.68 0.26 -29.43
C GLY D 55 22.60 1.12 -30.28
N GLY D 56 22.50 0.98 -31.60
CA GLY D 56 23.38 1.65 -32.57
C GLY D 56 22.99 3.05 -33.01
N SER D 57 21.73 3.42 -32.73
CA SER D 57 21.16 4.72 -33.09
C SER D 57 20.73 5.39 -31.81
N THR D 58 21.30 6.57 -31.54
CA THR D 58 20.99 7.32 -30.30
C THR D 58 20.49 8.71 -30.63
N TYR D 59 19.65 9.27 -29.75
CA TYR D 59 18.96 10.55 -30.00
C TYR D 59 18.92 11.33 -28.71
N TYR D 60 19.10 12.63 -28.79
CA TYR D 60 19.20 13.48 -27.60
C TYR D 60 18.45 14.80 -27.80
N ALA D 61 17.85 15.30 -26.72
CA ALA D 61 17.21 16.62 -26.71
C ALA D 61 18.36 17.63 -26.84
N ASP D 62 18.10 18.79 -27.47
CA ASP D 62 19.14 19.83 -27.64
C ASP D 62 19.81 20.25 -26.33
N SER D 63 19.03 20.30 -25.22
CA SER D 63 19.51 20.69 -23.88
C SER D 63 20.58 19.77 -23.29
N VAL D 64 20.64 18.52 -23.74
CA VAL D 64 21.61 17.56 -23.19
C VAL D 64 22.64 17.05 -24.23
N LYS D 65 22.42 17.30 -25.53
CA LYS D 65 23.29 16.79 -26.59
C LYS D 65 24.76 17.20 -26.37
N GLY D 66 25.65 16.20 -26.43
CA GLY D 66 27.08 16.43 -26.22
C GLY D 66 27.54 16.24 -24.79
N ARG D 67 26.59 16.19 -23.83
CA ARG D 67 26.92 15.98 -22.41
C ARG D 67 26.46 14.62 -21.90
N PHE D 68 25.31 14.11 -22.41
CA PHE D 68 24.75 12.84 -21.96
C PHE D 68 25.01 11.75 -22.98
N THR D 69 25.04 10.48 -22.53
CA THR D 69 25.18 9.35 -23.45
C THR D 69 24.19 8.30 -23.04
N ILE D 70 23.36 7.84 -23.99
CA ILE D 70 22.45 6.72 -23.76
C ILE D 70 23.09 5.49 -24.37
N SER D 71 22.99 4.35 -23.66
CA SER D 71 23.54 3.09 -24.13
C SER D 71 22.77 1.95 -23.54
N ARG D 72 22.97 0.75 -24.09
CA ARG D 72 22.29 -0.43 -23.59
C ARG D 72 23.15 -1.65 -23.73
N ASP D 73 22.93 -2.62 -22.84
CA ASP D 73 23.58 -3.92 -22.85
C ASP D 73 22.46 -4.92 -23.06
N ASN D 74 22.31 -5.43 -24.29
CA ASN D 74 21.23 -6.37 -24.60
C ASN D 74 21.42 -7.75 -24.03
N SER D 75 22.64 -8.08 -23.59
CA SER D 75 22.87 -9.39 -22.96
C SER D 75 22.36 -9.35 -21.50
N LYS D 76 22.58 -8.23 -20.79
CA LYS D 76 22.16 -8.09 -19.37
C LYS D 76 20.82 -7.37 -19.19
N ASN D 77 20.21 -6.89 -20.29
CA ASN D 77 18.93 -6.17 -20.29
C ASN D 77 19.02 -4.93 -19.39
N ILE D 78 20.03 -4.10 -19.64
CA ILE D 78 20.23 -2.84 -18.89
C ILE D 78 20.34 -1.67 -19.86
N LEU D 79 19.71 -0.56 -19.49
CA LEU D 79 19.74 0.70 -20.24
C LEU D 79 20.55 1.64 -19.32
N TYR D 80 21.44 2.47 -19.91
CA TYR D 80 22.26 3.42 -19.14
C TYR D 80 22.08 4.85 -19.61
N LEU D 81 22.29 5.79 -18.70
CA LEU D 81 22.34 7.21 -19.03
C LEU D 81 23.58 7.80 -18.33
N GLN D 82 24.64 8.06 -19.11
CA GLN D 82 25.84 8.66 -18.54
C GLN D 82 25.63 10.18 -18.69
N MET D 83 25.80 10.95 -17.62
CA MET D 83 25.62 12.40 -17.65
C MET D 83 26.89 13.09 -17.22
N ASN D 84 27.46 13.95 -18.06
CA ASN D 84 28.66 14.69 -17.68
C ASN D 84 28.42 16.18 -17.79
N SER D 85 29.36 17.00 -17.26
CA SER D 85 29.27 18.48 -17.29
C SER D 85 27.89 18.94 -16.79
N LEU D 86 27.46 18.35 -15.68
CA LEU D 86 26.16 18.62 -15.11
C LEU D 86 25.96 20.06 -14.65
N LYS D 87 24.76 20.55 -14.88
CA LYS D 87 24.35 21.94 -14.60
C LYS D 87 23.16 21.93 -13.63
N ALA D 88 22.91 23.07 -12.94
CA ALA D 88 21.75 23.20 -12.04
C ALA D 88 20.44 22.86 -12.76
N GLU D 89 20.35 23.18 -14.06
CA GLU D 89 19.22 22.91 -14.94
C GLU D 89 18.95 21.42 -15.14
N ASP D 90 19.93 20.54 -14.80
CA ASP D 90 19.73 19.09 -14.96
C ASP D 90 19.12 18.47 -13.71
N THR D 91 18.93 19.27 -12.63
CA THR D 91 18.35 18.75 -11.39
C THR D 91 16.92 18.33 -11.75
N ALA D 92 16.59 17.05 -11.52
CA ALA D 92 15.29 16.52 -11.95
C ALA D 92 15.14 15.09 -11.49
N THR D 93 13.86 14.61 -11.53
CA THR D 93 13.58 13.20 -11.33
C THR D 93 13.68 12.60 -12.75
N TYR D 94 14.52 11.56 -12.92
CA TYR D 94 14.72 10.88 -14.20
C TYR D 94 13.97 9.57 -14.20
N TYR D 95 13.33 9.22 -15.33
CA TYR D 95 12.63 7.96 -15.50
C TYR D 95 13.12 7.27 -16.75
N CYS D 96 13.21 5.95 -16.69
CA CYS D 96 13.48 5.22 -17.94
CA CYS D 96 13.51 5.07 -17.82
C CYS D 96 12.13 4.68 -18.38
N ALA D 97 11.96 4.58 -19.69
CA ALA D 97 10.67 4.16 -20.24
C ALA D 97 10.84 3.32 -21.48
N ARG D 98 9.94 2.35 -21.62
CA ARG D 98 9.89 1.49 -22.81
C ARG D 98 9.07 2.24 -23.85
N ALA D 99 9.63 2.35 -25.08
CA ALA D 99 8.92 3.05 -26.16
C ALA D 99 8.28 2.08 -27.13
N VAL D 100 7.09 2.43 -27.61
CA VAL D 100 6.38 1.70 -28.65
C VAL D 100 6.41 2.66 -29.83
N VAL D 101 7.00 2.24 -30.96
CA VAL D 101 7.11 3.07 -32.15
C VAL D 101 6.48 2.24 -33.28
N PHE D 102 5.33 2.68 -33.76
CA PHE D 102 4.51 1.96 -34.75
C PHE D 102 3.77 2.93 -35.67
N SER D 111 3.46 6.62 -34.75
CA SER D 111 3.13 6.90 -33.36
C SER D 111 4.26 6.47 -32.44
N LYS D 112 4.58 7.33 -31.47
CA LYS D 112 5.62 7.06 -30.47
C LYS D 112 5.01 7.33 -29.11
N TYR D 113 5.08 6.35 -28.21
CA TYR D 113 4.57 6.49 -26.85
C TYR D 113 5.30 5.59 -25.89
N PHE D 114 5.20 5.91 -24.58
CA PHE D 114 5.93 5.17 -23.52
C PHE D 114 4.94 4.34 -22.70
N ASP D 115 4.94 3.01 -22.84
CA ASP D 115 3.94 2.17 -22.16
C ASP D 115 4.26 1.69 -20.78
N TYR D 116 5.55 1.61 -20.45
CA TYR D 116 6.01 1.23 -19.11
C TYR D 116 7.08 2.18 -18.68
N TRP D 117 7.06 2.59 -17.40
CA TRP D 117 8.01 3.53 -16.88
C TRP D 117 8.64 2.98 -15.61
N SER D 118 9.89 3.35 -15.35
CA SER D 118 10.50 2.98 -14.07
C SER D 118 9.97 3.90 -12.93
N GLN D 119 10.38 3.62 -11.67
CA GLN D 119 10.04 4.46 -10.54
C GLN D 119 10.77 5.81 -10.57
N GLY D 120 11.85 5.95 -11.28
CA GLY D 120 12.44 7.28 -11.23
C GLY D 120 13.31 7.58 -10.03
N THR D 121 14.34 8.37 -10.27
CA THR D 121 15.31 8.74 -9.24
C THR D 121 15.62 10.22 -9.34
N LEU D 122 15.87 10.87 -8.22
CA LEU D 122 16.15 12.30 -8.23
C LEU D 122 17.65 12.57 -8.27
N VAL D 123 18.06 13.40 -9.24
CA VAL D 123 19.45 13.83 -9.38
C VAL D 123 19.48 15.30 -8.94
N THR D 124 20.32 15.65 -7.99
CA THR D 124 20.42 17.03 -7.53
C THR D 124 21.82 17.52 -7.84
N VAL D 125 21.92 18.59 -8.64
CA VAL D 125 23.20 19.18 -9.02
C VAL D 125 23.45 20.33 -8.07
N SER D 126 24.40 20.16 -7.14
CA SER D 126 24.67 21.17 -6.12
C SER D 126 26.08 21.00 -5.55
N SER D 127 26.69 22.08 -5.09
CA SER D 127 28.02 22.01 -4.48
C SER D 127 27.92 21.86 -2.94
N ALA D 128 26.68 21.80 -2.40
CA ALA D 128 26.44 21.67 -0.95
C ALA D 128 26.76 20.26 -0.44
N SER D 129 26.93 20.11 0.88
CA SER D 129 27.27 18.84 1.49
C SER D 129 26.07 17.94 1.74
N THR D 130 26.26 16.62 1.57
CA THR D 130 25.25 15.65 1.97
C THR D 130 25.12 15.66 3.50
N LYS D 131 23.89 15.59 4.02
CA LYS D 131 23.61 15.55 5.47
C LYS D 131 22.47 14.61 5.71
N GLY D 132 22.61 13.75 6.70
CA GLY D 132 21.55 12.83 7.07
C GLY D 132 20.51 13.50 7.98
N PRO D 133 19.27 13.02 7.98
CA PRO D 133 18.25 13.67 8.81
C PRO D 133 18.25 13.22 10.27
N SER D 134 17.86 14.12 11.16
CA SER D 134 17.50 13.83 12.54
C SER D 134 15.96 13.69 12.47
N VAL D 135 15.39 12.79 13.27
CA VAL D 135 13.94 12.56 13.26
C VAL D 135 13.40 12.81 14.64
N PHE D 136 12.54 13.81 14.78
CA PHE D 136 11.97 14.18 16.08
C PHE D 136 10.51 13.80 16.15
N PRO D 137 10.04 13.34 17.32
CA PRO D 137 8.62 12.99 17.42
C PRO D 137 7.72 14.24 17.42
N LEU D 138 6.53 14.08 16.88
CA LEU D 138 5.45 15.05 16.95
C LEU D 138 4.37 14.37 17.80
N ALA D 139 4.17 14.87 19.00
CA ALA D 139 3.12 14.27 19.84
C ALA D 139 2.34 15.35 20.57
N PRO D 140 1.05 15.16 20.93
CA PRO D 140 0.33 16.21 21.66
C PRO D 140 0.96 16.57 23.00
N GLY D 147 -11.30 9.44 23.38
CA GLY D 147 -11.68 10.83 23.55
C GLY D 147 -11.41 11.66 22.30
N GLY D 148 -11.88 11.14 21.17
CA GLY D 148 -11.78 11.78 19.86
C GLY D 148 -10.56 11.37 19.06
N THR D 149 -10.21 12.21 18.10
CA THR D 149 -9.06 11.99 17.24
C THR D 149 -7.81 12.68 17.77
N ALA D 150 -6.67 11.99 17.67
CA ALA D 150 -5.39 12.57 18.00
C ALA D 150 -4.48 12.53 16.78
N ALA D 151 -3.52 13.43 16.72
CA ALA D 151 -2.54 13.39 15.65
C ALA D 151 -1.19 13.12 16.26
N LEU D 152 -0.36 12.39 15.53
CA LEU D 152 1.02 12.07 15.89
C LEU D 152 1.85 12.23 14.64
N GLY D 153 3.15 12.25 14.78
CA GLY D 153 3.96 12.30 13.58
C GLY D 153 5.45 12.33 13.85
N CYS D 154 6.19 12.59 12.80
CA CYS D 154 7.65 12.72 12.84
CA CYS D 154 7.63 12.78 12.94
C CYS D 154 8.10 13.94 12.07
N LEU D 155 9.06 14.66 12.60
CA LEU D 155 9.62 15.82 11.94
C LEU D 155 11.03 15.39 11.48
N VAL D 156 11.21 15.27 10.17
CA VAL D 156 12.43 14.77 9.54
C VAL D 156 13.22 16.00 9.18
N LYS D 157 14.22 16.31 9.98
CA LYS D 157 14.90 17.61 9.87
C LYS D 157 16.35 17.58 9.41
N ASP D 158 16.74 18.67 8.69
CA ASP D 158 18.13 19.00 8.40
C ASP D 158 18.88 17.99 7.54
N TYR D 159 18.27 17.60 6.43
CA TYR D 159 18.92 16.68 5.51
C TYR D 159 19.18 17.35 4.19
N PHE D 160 20.09 16.78 3.41
CA PHE D 160 20.37 17.30 2.09
C PHE D 160 21.08 16.20 1.31
N PRO D 161 20.81 16.03 0.03
CA PRO D 161 19.74 16.68 -0.77
C PRO D 161 18.41 15.95 -0.54
N GLU D 162 17.37 16.35 -1.28
CA GLU D 162 16.16 15.52 -1.30
C GLU D 162 16.54 14.20 -2.05
N PRO D 163 15.75 13.11 -1.92
CA PRO D 163 14.52 12.98 -1.13
C PRO D 163 14.70 12.07 0.07
N VAL D 164 13.66 12.01 0.89
CA VAL D 164 13.55 11.02 1.96
C VAL D 164 12.26 10.23 1.67
N THR D 165 12.22 8.97 2.10
CA THR D 165 10.98 8.20 2.03
C THR D 165 10.58 7.98 3.49
N VAL D 166 9.28 8.06 3.79
CA VAL D 166 8.76 7.85 5.12
C VAL D 166 7.65 6.82 5.04
N SER D 167 7.70 5.82 5.92
CA SER D 167 6.61 4.87 6.06
C SER D 167 6.27 4.82 7.54
N TRP D 168 5.11 4.24 7.87
CA TRP D 168 4.66 4.09 9.26
C TRP D 168 4.49 2.63 9.53
N ASN D 169 5.07 2.15 10.64
CA ASN D 169 4.98 0.73 11.04
C ASN D 169 5.37 -0.18 9.89
N SER D 170 6.51 0.13 9.21
CA SER D 170 7.07 -0.63 8.08
C SER D 170 6.06 -0.82 6.94
N GLY D 171 5.16 0.14 6.77
CA GLY D 171 4.17 0.07 5.70
C GLY D 171 2.81 -0.49 6.09
N ALA D 172 2.67 -1.01 7.35
CA ALA D 172 1.39 -1.56 7.83
C ALA D 172 0.38 -0.48 8.12
N LEU D 173 0.85 0.78 8.32
CA LEU D 173 -0.06 1.89 8.60
C LEU D 173 -0.05 2.88 7.44
N THR D 174 -1.17 2.97 6.71
CA THR D 174 -1.29 3.88 5.55
C THR D 174 -2.51 4.80 5.65
N SER D 175 -3.59 4.33 6.27
CA SER D 175 -4.81 5.10 6.43
C SER D 175 -4.57 6.29 7.36
N GLY D 176 -5.01 7.47 6.94
CA GLY D 176 -4.88 8.70 7.71
C GLY D 176 -3.50 9.33 7.74
N VAL D 177 -2.57 8.81 6.94
CA VAL D 177 -1.18 9.34 6.90
C VAL D 177 -1.09 10.48 5.91
N HIS D 178 -0.41 11.55 6.28
CA HIS D 178 -0.08 12.65 5.37
C HIS D 178 1.41 12.92 5.48
N THR D 179 2.16 12.67 4.38
CA THR D 179 3.58 13.00 4.33
C THR D 179 3.70 14.23 3.48
N PHE D 180 4.10 15.32 4.09
CA PHE D 180 4.09 16.60 3.42
C PHE D 180 5.27 16.84 2.47
N PRO D 181 5.11 17.77 1.51
CA PRO D 181 6.28 18.20 0.72
C PRO D 181 7.33 18.81 1.68
N ALA D 182 8.61 18.57 1.41
CA ALA D 182 9.62 19.19 2.29
C ALA D 182 9.66 20.69 2.04
N VAL D 183 10.15 21.43 3.04
CA VAL D 183 10.47 22.83 2.88
C VAL D 183 12.00 22.93 2.89
N LEU D 184 12.52 23.85 2.10
CA LEU D 184 13.94 24.16 2.10
C LEU D 184 14.13 25.29 3.13
N GLN D 185 14.91 25.02 4.18
CA GLN D 185 15.06 25.97 5.28
C GLN D 185 16.08 27.06 5.02
N SER D 186 16.12 28.10 5.91
CA SER D 186 17.10 29.17 5.81
C SER D 186 18.54 28.65 5.83
N SER D 187 18.78 27.49 6.44
CA SER D 187 20.12 26.85 6.53
C SER D 187 20.56 26.19 5.19
N GLY D 188 19.62 26.05 4.25
CA GLY D 188 19.91 25.38 2.99
C GLY D 188 19.69 23.88 3.11
N LEU D 189 19.16 23.42 4.28
CA LEU D 189 18.82 22.00 4.48
C LEU D 189 17.29 21.83 4.43
N TYR D 190 16.82 20.61 4.14
CA TYR D 190 15.37 20.34 4.04
C TYR D 190 14.77 19.87 5.37
N SER D 191 13.45 20.12 5.54
CA SER D 191 12.74 19.64 6.70
C SER D 191 11.38 19.18 6.23
N LEU D 192 10.95 18.01 6.68
CA LEU D 192 9.63 17.53 6.31
C LEU D 192 8.88 16.92 7.45
N SER D 193 7.56 17.00 7.43
CA SER D 193 6.78 16.33 8.49
C SER D 193 5.93 15.23 7.87
N SER D 194 5.64 14.19 8.67
CA SER D 194 4.74 13.12 8.27
C SER D 194 3.86 12.90 9.47
N VAL D 195 2.55 12.90 9.28
CA VAL D 195 1.61 12.80 10.39
C VAL D 195 0.62 11.70 10.14
N VAL D 196 -0.04 11.25 11.20
CA VAL D 196 -1.11 10.27 11.09
C VAL D 196 -2.15 10.62 12.16
N THR D 197 -3.44 10.48 11.83
CA THR D 197 -4.48 10.68 12.84
C THR D 197 -4.97 9.31 13.27
N VAL D 198 -5.17 9.16 14.57
CA VAL D 198 -5.56 7.90 15.19
C VAL D 198 -6.55 8.21 16.34
N PRO D 199 -7.28 7.22 16.84
CA PRO D 199 -8.14 7.47 17.99
C PRO D 199 -7.27 7.82 19.20
N SER D 200 -7.63 8.88 19.96
CA SER D 200 -6.84 9.30 21.13
C SER D 200 -6.65 8.15 22.12
N SER D 201 -7.67 7.30 22.26
CA SER D 201 -7.64 6.18 23.20
CA SER D 201 -7.61 6.19 23.21
C SER D 201 -6.75 5.01 22.77
N SER D 202 -6.19 5.05 21.56
CA SER D 202 -5.30 3.97 21.11
C SER D 202 -3.84 4.34 21.55
N LEU D 203 -3.59 5.61 21.94
CA LEU D 203 -2.25 6.11 22.30
C LEU D 203 -1.52 5.31 23.41
N GLY D 204 -2.25 4.77 24.36
CA GLY D 204 -1.61 3.99 25.41
C GLY D 204 -1.24 2.56 25.05
N THR D 205 -1.84 1.99 23.98
CA THR D 205 -1.65 0.57 23.68
C THR D 205 -1.08 0.24 22.31
N GLN D 206 -1.08 1.19 21.38
CA GLN D 206 -0.57 0.97 20.04
C GLN D 206 0.76 1.67 19.88
N THR D 207 1.66 1.05 19.13
CA THR D 207 2.97 1.64 18.85
C THR D 207 2.92 2.26 17.47
N TYR D 208 3.37 3.51 17.37
CA TYR D 208 3.43 4.22 16.10
C TYR D 208 4.87 4.62 15.84
N ILE D 209 5.49 3.99 14.83
CA ILE D 209 6.89 4.25 14.48
C ILE D 209 7.01 4.73 13.06
N CYS D 210 7.75 5.83 12.85
CA CYS D 210 7.98 6.30 11.48
CA CYS D 210 7.95 6.23 11.47
C CYS D 210 9.33 5.75 11.02
N ASN D 211 9.40 5.23 9.78
CA ASN D 211 10.63 4.67 9.22
C ASN D 211 11.08 5.63 8.15
N VAL D 212 12.26 6.20 8.32
CA VAL D 212 12.79 7.20 7.40
C VAL D 212 14.01 6.67 6.68
N ASN D 213 14.05 6.85 5.36
CA ASN D 213 15.22 6.44 4.58
C ASN D 213 15.70 7.64 3.77
N HIS D 214 16.95 8.05 3.98
CA HIS D 214 17.55 9.12 3.18
C HIS D 214 18.65 8.47 2.35
N LYS D 215 18.26 7.90 1.19
CA LYS D 215 19.22 7.19 0.32
C LYS D 215 20.48 7.98 -0.02
N PRO D 216 20.43 9.30 -0.32
CA PRO D 216 21.67 10.03 -0.64
C PRO D 216 22.78 9.93 0.39
N SER D 217 22.45 9.82 1.69
CA SER D 217 23.44 9.69 2.75
C SER D 217 23.53 8.27 3.29
N ASN D 218 22.76 7.32 2.71
CA ASN D 218 22.67 5.93 3.17
C ASN D 218 22.24 5.88 4.66
N THR D 219 21.42 6.87 5.11
CA THR D 219 20.99 6.98 6.52
C THR D 219 19.57 6.46 6.66
N LYS D 220 19.33 5.52 7.60
CA LYS D 220 18.01 4.98 7.92
C LYS D 220 17.75 5.27 9.40
N VAL D 221 16.58 5.80 9.71
CA VAL D 221 16.19 6.15 11.09
C VAL D 221 14.77 5.68 11.34
N ASP D 222 14.54 5.03 12.51
CA ASP D 222 13.18 4.70 12.95
C ASP D 222 12.93 5.50 14.22
N LYS D 223 11.74 6.09 14.36
CA LYS D 223 11.45 6.88 15.56
C LYS D 223 10.05 6.59 16.06
N LYS D 224 9.91 6.31 17.35
CA LYS D 224 8.59 6.12 17.94
C LYS D 224 7.94 7.51 18.22
N ALA D 225 6.67 7.70 17.83
CA ALA D 225 5.97 8.95 18.10
C ALA D 225 5.00 8.64 19.26
N GLU D 226 5.32 9.12 20.45
CA GLU D 226 4.49 8.82 21.62
C GLU D 226 4.25 10.05 22.51
N PRO D 227 3.11 10.12 23.25
CA PRO D 227 2.89 11.28 24.13
C PRO D 227 3.85 11.26 25.33
N ASN E 13 -30.74 4.37 16.96
CA ASN E 13 -30.33 5.40 17.92
C ASN E 13 -29.36 4.87 19.00
N GLY E 14 -28.84 3.66 18.81
CA GLY E 14 -27.92 3.05 19.76
C GLY E 14 -28.41 1.75 20.36
N SER E 15 -29.73 1.51 20.34
CA SER E 15 -30.24 0.25 20.89
C SER E 15 -29.93 -0.92 19.95
N TRP E 16 -29.66 -2.10 20.51
CA TRP E 16 -29.39 -3.32 19.77
C TRP E 16 -30.67 -4.14 19.66
N HIS E 17 -31.54 -4.04 20.70
CA HIS E 17 -32.82 -4.71 20.91
C HIS E 17 -32.81 -6.21 20.61
N GLY F 14 13.07 -2.83 -33.54
CA GLY F 14 13.00 -1.83 -32.48
C GLY F 14 13.59 -0.49 -32.86
N SER F 15 13.30 0.01 -34.07
CA SER F 15 13.83 1.31 -34.47
C SER F 15 13.11 2.47 -33.77
N TRP F 16 13.84 3.56 -33.52
CA TRP F 16 13.26 4.77 -32.95
C TRP F 16 12.79 5.68 -34.09
N HIS F 17 13.59 5.81 -35.16
CA HIS F 17 13.29 6.67 -36.30
C HIS F 17 13.27 5.88 -37.60
C1 GOL G . 5.17 -21.25 2.73
O1 GOL G . 4.88 -20.23 3.67
C2 GOL G . 6.31 -22.14 3.15
O2 GOL G . 6.33 -22.41 4.55
C3 GOL G . 6.27 -23.44 2.37
O3 GOL G . 7.27 -23.30 1.39
S SO4 H . 31.78 -31.92 -1.95
O1 SO4 H . 33.21 -32.11 -2.21
O2 SO4 H . 31.37 -30.59 -2.41
O3 SO4 H . 31.02 -32.95 -2.66
O4 SO4 H . 31.53 -32.04 -0.50
S SO4 I . -7.00 -21.25 -22.26
O1 SO4 I . -5.65 -20.79 -21.93
O2 SO4 I . -7.94 -20.14 -22.12
O3 SO4 I . -7.02 -21.74 -23.64
O4 SO4 I . -7.40 -22.32 -21.36
S SO4 J . 4.85 -36.08 0.13
O1 SO4 J . 6.15 -35.49 0.40
O2 SO4 J . 4.06 -35.18 -0.70
O3 SO4 J . 4.98 -37.36 -0.58
O4 SO4 J . 4.19 -36.28 1.40
C1 GOL K . 6.42 22.49 7.26
O1 GOL K . 5.88 22.04 8.51
C2 GOL K . 7.11 21.40 6.47
O2 GOL K . 8.38 21.07 7.07
C3 GOL K . 6.31 20.12 6.30
O3 GOL K . 7.01 19.23 5.42
S SO4 L . 8.95 28.37 33.79
O1 SO4 L . 7.62 29.01 33.81
O2 SO4 L . 9.84 29.16 32.94
O3 SO4 L . 8.81 27.00 33.27
O4 SO4 L . 9.51 28.32 35.14
S SO4 M . 4.98 35.47 7.60
O1 SO4 M . 5.33 35.82 6.21
O2 SO4 M . 4.55 36.71 8.29
O3 SO4 M . 6.13 34.84 8.25
O4 SO4 M . 3.83 34.52 7.60
C1 GOL N . -21.64 2.61 30.52
O1 GOL N . -21.96 2.25 31.85
C2 GOL N . -21.74 4.10 30.31
O2 GOL N . -21.24 4.81 31.46
C3 GOL N . -20.97 4.53 29.09
O3 GOL N . -19.58 4.54 29.36
S SO4 O . -30.49 0.49 25.73
O1 SO4 O . -31.73 0.66 26.55
O2 SO4 O . -29.98 1.81 25.39
O3 SO4 O . -30.84 -0.24 24.53
O4 SO4 O . -29.49 -0.24 26.50
S SO4 P . -32.93 -6.88 26.31
O1 SO4 P . -31.76 -6.33 26.99
O2 SO4 P . -34.16 -6.34 26.89
O3 SO4 P . -32.93 -8.34 26.44
O4 SO4 P . -32.86 -6.51 24.89
C1 GOL Q . 15.11 8.55 -5.74
O1 GOL Q . 13.97 9.40 -5.80
C2 GOL Q . 16.20 9.18 -4.91
O2 GOL Q . 16.31 8.51 -3.64
C3 GOL Q . 17.56 9.29 -5.58
O3 GOL Q . 18.26 10.43 -5.12
#